data_1S59
#
_entry.id   1S59
#
_cell.length_a   69.035
_cell.length_b   108.520
_cell.length_c   118.316
_cell.angle_alpha   90.00
_cell.angle_beta   90.00
_cell.angle_gamma   90.00
#
_symmetry.space_group_name_H-M   'P 21 21 21'
#
loop_
_entity.id
_entity.type
_entity.pdbx_description
1 polymer 'Nucleoside diphosphate kinase II'
2 non-polymer "2'-DEOXYGUANOSINE-5'-DIPHOSPHATE"
3 non-polymer "2'-DEOXYGUANOSINE-5'-TRIPHOSPHATE"
4 water water
#
_entity_poly.entity_id   1
_entity_poly.type   'polypeptide(L)'
_entity_poly.pdbx_seq_one_letter_code
;SMEDVEETYIMVKPDGIQRGLVGEIISRFEKKGFKLIGLKMFQCPKELAEEHYKDLSAKSFFPNLIEYITSGPVVCMAWE
GVGVVASARKLIGKTDPLQAEPGTIRGDLAVQTGRNIVHGSDSPENGKREIGLWFKEGELCKWDSALATWLRE
;
_entity_poly.pdbx_strand_id   A,B,C,D,E,F
#
# COMPACT_ATOMS: atom_id res chain seq x y z
N SER A 1 -30.32 -1.62 -14.62
CA SER A 1 -30.27 -0.34 -13.84
C SER A 1 -30.26 0.85 -14.79
N MET A 2 -31.32 1.66 -14.75
CA MET A 2 -31.42 2.84 -15.59
C MET A 2 -30.90 4.06 -14.83
N GLU A 3 -29.58 4.19 -14.73
CA GLU A 3 -28.97 5.33 -14.06
C GLU A 3 -28.12 6.00 -15.12
N ASP A 4 -28.13 7.33 -15.19
CA ASP A 4 -27.33 7.99 -16.22
C ASP A 4 -25.86 8.13 -15.85
N VAL A 5 -25.02 7.68 -16.77
CA VAL A 5 -23.57 7.71 -16.61
C VAL A 5 -23.00 9.01 -17.13
N GLU A 6 -22.33 9.76 -16.25
CA GLU A 6 -21.73 11.02 -16.65
C GLU A 6 -20.22 10.85 -16.74
N GLU A 7 -19.57 11.88 -17.24
CA GLU A 7 -18.13 11.85 -17.37
C GLU A 7 -17.58 13.08 -16.66
N THR A 8 -16.39 12.96 -16.10
CA THR A 8 -15.76 14.07 -15.40
C THR A 8 -14.29 14.16 -15.84
N TYR A 9 -13.79 15.38 -15.92
CA TYR A 9 -12.41 15.63 -16.31
C TYR A 9 -11.57 15.70 -15.05
N ILE A 10 -10.60 14.80 -14.94
CA ILE A 10 -9.73 14.81 -13.77
C ILE A 10 -8.32 15.00 -14.28
N MET A 11 -7.64 15.99 -13.75
CA MET A 11 -6.28 16.27 -14.18
C MET A 11 -5.30 16.35 -13.02
N VAL A 12 -4.12 15.79 -13.28
CA VAL A 12 -3.04 15.80 -12.30
C VAL A 12 -2.21 17.03 -12.67
N LYS A 13 -2.21 18.02 -11.78
CA LYS A 13 -1.47 19.25 -12.02
C LYS A 13 0.03 19.01 -12.11
N PRO A 14 0.79 20.01 -12.58
CA PRO A 14 2.24 19.88 -12.72
C PRO A 14 2.99 19.37 -11.49
N ASP A 15 2.55 19.78 -10.29
CA ASP A 15 3.20 19.36 -9.06
C ASP A 15 2.95 17.88 -8.75
N GLY A 16 1.81 17.37 -9.19
CA GLY A 16 1.52 15.96 -8.96
C GLY A 16 2.61 15.14 -9.64
N ILE A 17 2.91 15.50 -10.87
CA ILE A 17 3.95 14.83 -11.64
C ILE A 17 5.30 14.96 -10.93
N GLN A 18 5.70 16.19 -10.65
CA GLN A 18 6.97 16.43 -9.96
C GLN A 18 7.10 15.53 -8.74
N ARG A 19 5.99 15.29 -8.04
CA ARG A 19 6.01 14.48 -6.84
C ARG A 19 5.69 13.01 -7.00
N GLY A 20 5.74 12.52 -8.23
CA GLY A 20 5.48 11.11 -8.48
C GLY A 20 4.20 10.59 -7.90
N LEU A 21 3.13 11.37 -8.03
CA LEU A 21 1.83 10.97 -7.52
C LEU A 21 0.85 10.64 -8.63
N VAL A 22 1.33 10.53 -9.86
CA VAL A 22 0.42 10.19 -10.95
C VAL A 22 -0.24 8.86 -10.70
N GLY A 23 0.58 7.83 -10.47
CA GLY A 23 0.05 6.51 -10.22
C GLY A 23 -0.93 6.46 -9.08
N GLU A 24 -0.49 6.87 -7.91
CA GLU A 24 -1.33 6.86 -6.72
C GLU A 24 -2.71 7.43 -7.03
N ILE A 25 -2.74 8.59 -7.66
CA ILE A 25 -4.00 9.23 -8.02
C ILE A 25 -4.85 8.35 -8.92
N ILE A 26 -4.23 7.82 -9.97
CA ILE A 26 -4.96 6.95 -10.89
C ILE A 26 -5.57 5.76 -10.14
N SER A 27 -4.78 5.14 -9.25
CA SER A 27 -5.25 3.98 -8.50
C SER A 27 -6.43 4.29 -7.58
N ARG A 28 -6.54 5.52 -7.10
CA ARG A 28 -7.66 5.85 -6.21
C ARG A 28 -8.97 5.68 -6.94
N PHE A 29 -9.03 6.23 -8.15
CA PHE A 29 -10.23 6.12 -8.94
C PHE A 29 -10.41 4.72 -9.49
N GLU A 30 -9.31 4.08 -9.86
CA GLU A 30 -9.38 2.73 -10.39
C GLU A 30 -9.99 1.83 -9.36
N LYS A 31 -9.48 1.94 -8.13
CA LYS A 31 -9.98 1.12 -7.04
C LYS A 31 -11.39 1.52 -6.63
N LYS A 32 -11.73 2.79 -6.79
CA LYS A 32 -13.07 3.25 -6.43
C LYS A 32 -14.08 2.43 -7.24
N GLY A 33 -13.72 2.12 -8.49
CA GLY A 33 -14.59 1.35 -9.36
C GLY A 33 -15.01 2.12 -10.62
N PHE A 34 -14.50 3.33 -10.80
CA PHE A 34 -14.87 4.09 -11.99
C PHE A 34 -14.08 3.67 -13.23
N LYS A 35 -14.54 4.09 -14.40
CA LYS A 35 -13.88 3.71 -15.66
C LYS A 35 -13.03 4.82 -16.27
N LEU A 36 -11.81 4.46 -16.67
CA LEU A 36 -10.90 5.41 -17.29
C LEU A 36 -11.12 5.30 -18.80
N ILE A 37 -11.57 6.39 -19.41
CA ILE A 37 -11.81 6.39 -20.84
C ILE A 37 -10.95 7.44 -21.55
N GLY A 38 -10.22 8.23 -20.77
CA GLY A 38 -9.37 9.24 -21.35
C GLY A 38 -8.16 9.46 -20.47
N LEU A 39 -6.96 9.40 -21.05
CA LEU A 39 -5.74 9.59 -20.28
C LEU A 39 -4.55 9.98 -21.12
N LYS A 40 -3.86 11.06 -20.73
CA LYS A 40 -2.69 11.47 -21.48
C LYS A 40 -1.83 12.52 -20.78
N MET A 41 -0.50 12.33 -20.81
CA MET A 41 0.39 13.32 -20.24
C MET A 41 0.33 14.41 -21.28
N PHE A 42 0.27 15.67 -20.86
CA PHE A 42 0.12 16.77 -21.80
C PHE A 42 0.75 18.08 -21.30
N GLN A 43 1.38 18.83 -22.19
CA GLN A 43 1.98 20.12 -21.83
C GLN A 43 1.04 21.22 -22.33
N CYS A 44 0.24 21.73 -21.40
CA CYS A 44 -0.78 22.74 -21.68
C CYS A 44 -0.34 24.14 -22.08
N PRO A 45 -0.87 24.64 -23.21
CA PRO A 45 -0.55 25.98 -23.71
C PRO A 45 -1.31 27.04 -22.91
N LYS A 46 -0.68 28.18 -22.66
CA LYS A 46 -1.30 29.26 -21.90
C LYS A 46 -2.74 29.50 -22.36
N GLU A 47 -2.94 29.54 -23.68
CA GLU A 47 -4.25 29.79 -24.24
C GLU A 47 -5.29 28.78 -23.80
N LEU A 48 -4.90 27.51 -23.72
CA LEU A 48 -5.81 26.45 -23.30
C LEU A 48 -6.09 26.49 -21.80
N ALA A 49 -5.07 26.86 -21.02
CA ALA A 49 -5.20 26.95 -19.57
C ALA A 49 -6.09 28.13 -19.15
N GLU A 50 -6.13 29.16 -19.98
CA GLU A 50 -6.93 30.35 -19.71
C GLU A 50 -8.40 30.13 -20.05
N GLU A 51 -8.66 29.41 -21.13
CA GLU A 51 -10.04 29.15 -21.53
C GLU A 51 -10.60 28.12 -20.54
N HIS A 52 -9.71 27.48 -19.80
CA HIS A 52 -10.10 26.47 -18.81
C HIS A 52 -10.40 27.10 -17.46
N TYR A 53 -9.72 28.21 -17.19
CA TYR A 53 -9.90 28.94 -15.94
C TYR A 53 -10.45 30.33 -16.20
N LYS A 54 -11.17 30.48 -17.30
CA LYS A 54 -11.74 31.77 -17.70
C LYS A 54 -12.55 32.43 -16.59
N ASP A 55 -13.24 31.63 -15.78
CA ASP A 55 -14.06 32.15 -14.69
C ASP A 55 -13.26 32.77 -13.55
N LEU A 56 -11.95 32.64 -13.59
CA LEU A 56 -11.11 33.18 -12.54
C LEU A 56 -10.17 34.23 -13.11
N SER A 57 -10.25 34.41 -14.42
CA SER A 57 -9.41 35.37 -15.13
C SER A 57 -9.26 36.74 -14.46
N ALA A 58 -10.29 37.16 -13.75
CA ALA A 58 -10.26 38.46 -13.07
C ALA A 58 -9.61 38.41 -11.69
N LYS A 59 -9.35 37.21 -11.19
CA LYS A 59 -8.72 37.04 -9.88
C LYS A 59 -7.27 37.51 -9.88
N SER A 60 -6.73 37.73 -8.67
CA SER A 60 -5.35 38.18 -8.52
C SER A 60 -4.39 37.01 -8.59
N PHE A 61 -4.91 35.80 -8.37
CA PHE A 61 -4.06 34.63 -8.42
C PHE A 61 -4.05 33.99 -9.80
N PHE A 62 -4.97 34.41 -10.66
CA PHE A 62 -5.08 33.87 -12.02
C PHE A 62 -3.74 33.81 -12.73
N PRO A 63 -3.04 34.96 -12.85
CA PRO A 63 -1.75 34.99 -13.53
C PRO A 63 -0.82 33.85 -13.08
N ASN A 64 -0.60 33.75 -11.77
CA ASN A 64 0.26 32.71 -11.24
C ASN A 64 -0.31 31.36 -11.61
N LEU A 65 -1.60 31.20 -11.37
CA LEU A 65 -2.31 29.97 -11.68
C LEU A 65 -1.97 29.50 -13.09
N ILE A 66 -2.19 30.37 -14.06
CA ILE A 66 -1.90 30.07 -15.46
C ILE A 66 -0.47 29.58 -15.65
N GLU A 67 0.47 30.23 -14.99
CA GLU A 67 1.88 29.84 -15.10
C GLU A 67 2.16 28.52 -14.40
N TYR A 68 1.47 28.30 -13.29
CA TYR A 68 1.63 27.07 -12.52
C TYR A 68 1.12 25.88 -13.32
N ILE A 69 -0.11 25.97 -13.80
CA ILE A 69 -0.70 24.89 -14.58
C ILE A 69 0.08 24.57 -15.86
N THR A 70 0.92 25.50 -16.32
CA THR A 70 1.70 25.30 -17.55
C THR A 70 3.21 25.17 -17.30
N SER A 71 3.60 25.19 -16.03
CA SER A 71 5.01 25.10 -15.66
C SER A 71 5.62 23.72 -15.91
N GLY A 72 4.78 22.77 -16.33
CA GLY A 72 5.27 21.43 -16.60
C GLY A 72 4.14 20.55 -17.11
N PRO A 73 4.45 19.31 -17.54
CA PRO A 73 3.35 18.49 -18.03
C PRO A 73 2.34 18.19 -16.93
N VAL A 74 1.13 17.84 -17.34
CA VAL A 74 0.05 17.48 -16.43
C VAL A 74 -0.48 16.16 -17.00
N VAL A 75 -1.40 15.52 -16.31
CA VAL A 75 -1.98 14.28 -16.82
C VAL A 75 -3.48 14.44 -16.89
N CYS A 76 -3.98 14.55 -18.11
CA CYS A 76 -5.41 14.73 -18.33
C CYS A 76 -6.12 13.38 -18.20
N MET A 77 -7.36 13.42 -17.74
CA MET A 77 -8.12 12.19 -17.59
C MET A 77 -9.59 12.39 -17.81
N ALA A 78 -10.24 11.34 -18.28
CA ALA A 78 -11.67 11.35 -18.51
C ALA A 78 -12.17 10.11 -17.81
N TRP A 79 -13.00 10.30 -16.79
CA TRP A 79 -13.55 9.17 -16.06
C TRP A 79 -15.04 9.09 -16.23
N GLU A 80 -15.52 7.87 -16.45
CA GLU A 80 -16.95 7.64 -16.63
C GLU A 80 -17.55 6.84 -15.49
N GLY A 81 -18.81 7.12 -15.20
CA GLY A 81 -19.51 6.42 -14.14
C GLY A 81 -20.73 7.20 -13.71
N VAL A 82 -21.64 6.55 -13.02
CA VAL A 82 -22.85 7.19 -12.54
C VAL A 82 -22.45 8.04 -11.33
N GLY A 83 -22.69 9.35 -11.41
CA GLY A 83 -22.31 10.23 -10.32
C GLY A 83 -20.80 10.41 -10.13
N VAL A 84 -20.02 10.06 -11.14
CA VAL A 84 -18.57 10.19 -11.04
C VAL A 84 -18.12 11.62 -10.78
N VAL A 85 -18.89 12.60 -11.27
CA VAL A 85 -18.49 13.99 -11.07
C VAL A 85 -18.44 14.38 -9.59
N ALA A 86 -19.58 14.24 -8.92
CA ALA A 86 -19.65 14.58 -7.49
C ALA A 86 -18.73 13.69 -6.67
N SER A 87 -18.70 12.40 -7.01
CA SER A 87 -17.85 11.48 -6.29
C SER A 87 -16.39 11.87 -6.39
N ALA A 88 -15.95 12.14 -7.62
CA ALA A 88 -14.58 12.52 -7.85
C ALA A 88 -14.21 13.74 -7.01
N ARG A 89 -15.09 14.73 -6.94
CA ARG A 89 -14.81 15.92 -6.13
C ARG A 89 -14.69 15.58 -4.66
N LYS A 90 -15.53 14.67 -4.19
CA LYS A 90 -15.49 14.25 -2.81
C LYS A 90 -14.16 13.55 -2.58
N LEU A 91 -13.80 12.66 -3.49
CA LEU A 91 -12.56 11.91 -3.42
C LEU A 91 -11.29 12.79 -3.49
N ILE A 92 -11.46 14.05 -3.87
CA ILE A 92 -10.32 14.98 -3.96
C ILE A 92 -10.09 15.81 -2.70
N GLY A 93 -11.17 16.28 -2.07
CA GLY A 93 -11.05 17.08 -0.87
C GLY A 93 -11.22 18.56 -1.14
N LYS A 94 -11.29 19.36 -0.08
CA LYS A 94 -11.43 20.81 -0.23
C LYS A 94 -10.26 21.43 -0.99
N THR A 95 -10.54 22.56 -1.66
CA THR A 95 -9.55 23.28 -2.45
C THR A 95 -8.24 23.49 -1.67
N ASP A 96 -8.38 23.69 -0.37
CA ASP A 96 -7.25 23.90 0.52
C ASP A 96 -6.85 22.54 1.14
N PRO A 97 -5.73 21.96 0.68
CA PRO A 97 -5.22 20.67 1.19
C PRO A 97 -5.05 20.61 2.71
N LEU A 98 -5.01 21.78 3.36
CA LEU A 98 -4.87 21.83 4.81
C LEU A 98 -6.26 21.62 5.45
N GLN A 99 -7.31 21.89 4.70
CA GLN A 99 -8.68 21.72 5.19
C GLN A 99 -9.18 20.34 4.79
N ALA A 100 -8.94 19.96 3.54
CA ALA A 100 -9.35 18.65 3.03
C ALA A 100 -9.20 17.58 4.10
N GLU A 101 -10.24 16.79 4.28
CA GLU A 101 -10.20 15.74 5.29
C GLU A 101 -9.22 14.62 4.93
N PRO A 102 -8.63 13.98 5.94
CA PRO A 102 -7.71 12.89 5.62
C PRO A 102 -8.51 11.81 4.88
N GLY A 103 -7.90 11.16 3.89
CA GLY A 103 -8.62 10.15 3.14
C GLY A 103 -8.94 10.63 1.73
N THR A 104 -9.03 11.94 1.56
CA THR A 104 -9.30 12.52 0.25
C THR A 104 -7.92 12.69 -0.40
N ILE A 105 -7.86 12.97 -1.70
CA ILE A 105 -6.57 13.11 -2.36
C ILE A 105 -5.75 14.29 -1.84
N ARG A 106 -6.38 15.46 -1.75
CA ARG A 106 -5.66 16.63 -1.29
C ARG A 106 -5.34 16.61 0.20
N GLY A 107 -6.28 16.14 1.02
CA GLY A 107 -6.05 16.08 2.44
C GLY A 107 -4.93 15.10 2.80
N ASP A 108 -4.76 14.08 1.96
CA ASP A 108 -3.74 13.06 2.19
C ASP A 108 -2.38 13.43 1.62
N LEU A 109 -2.37 14.06 0.45
CA LEU A 109 -1.10 14.33 -0.21
C LEU A 109 -0.62 15.75 -0.49
N ALA A 110 -1.36 16.77 -0.08
CA ALA A 110 -0.94 18.15 -0.35
C ALA A 110 -1.00 19.06 0.88
N VAL A 111 -0.30 20.18 0.84
CA VAL A 111 -0.27 21.11 1.98
C VAL A 111 -0.57 22.57 1.67
N GLN A 112 -0.95 22.87 0.43
CA GLN A 112 -1.24 24.26 0.09
C GLN A 112 -2.13 24.39 -1.15
N THR A 113 -3.07 25.33 -1.09
CA THR A 113 -4.01 25.58 -2.18
C THR A 113 -3.34 25.67 -3.54
N GLY A 114 -2.47 26.67 -3.70
CA GLY A 114 -1.78 26.88 -4.97
C GLY A 114 -0.97 25.70 -5.49
N ARG A 115 -0.98 24.60 -4.74
CA ARG A 115 -0.28 23.38 -5.11
C ARG A 115 -1.11 22.22 -4.62
N ASN A 116 -2.38 22.20 -5.00
CA ASN A 116 -3.28 21.15 -4.54
C ASN A 116 -3.36 19.95 -5.49
N ILE A 117 -2.19 19.62 -6.04
CA ILE A 117 -1.94 18.50 -6.93
C ILE A 117 -2.97 17.93 -7.91
N VAL A 118 -4.23 18.32 -7.85
CA VAL A 118 -5.22 17.74 -8.76
C VAL A 118 -6.48 18.56 -8.94
N HIS A 119 -7.10 18.38 -10.10
CA HIS A 119 -8.34 19.09 -10.44
C HIS A 119 -9.42 18.09 -10.85
N GLY A 120 -10.67 18.47 -10.63
CA GLY A 120 -11.81 17.64 -10.98
C GLY A 120 -12.97 18.55 -11.32
N SER A 121 -13.76 18.21 -12.32
CA SER A 121 -14.89 19.04 -12.70
C SER A 121 -15.84 19.28 -11.52
N ASP A 122 -16.37 20.49 -11.42
CA ASP A 122 -17.28 20.84 -10.33
C ASP A 122 -18.74 20.61 -10.67
N SER A 123 -19.02 20.15 -11.89
CA SER A 123 -20.40 19.89 -12.29
C SER A 123 -20.44 19.01 -13.54
N PRO A 124 -21.56 18.31 -13.76
CA PRO A 124 -21.67 17.45 -14.94
C PRO A 124 -21.42 18.22 -16.23
N GLU A 125 -21.93 19.45 -16.29
CA GLU A 125 -21.77 20.30 -17.46
C GLU A 125 -20.31 20.70 -17.66
N ASN A 126 -19.65 21.15 -16.61
CA ASN A 126 -18.23 21.48 -16.74
C ASN A 126 -17.48 20.19 -17.03
N GLY A 127 -18.06 19.06 -16.63
CA GLY A 127 -17.43 17.80 -16.91
C GLY A 127 -17.30 17.70 -18.43
N LYS A 128 -18.44 17.72 -19.12
CA LYS A 128 -18.46 17.63 -20.58
C LYS A 128 -17.56 18.69 -21.20
N ARG A 129 -17.61 19.90 -20.65
CA ARG A 129 -16.82 21.00 -21.16
C ARG A 129 -15.31 20.75 -21.09
N GLU A 130 -14.81 20.51 -19.88
CA GLU A 130 -13.40 20.28 -19.70
C GLU A 130 -12.88 19.09 -20.50
N ILE A 131 -13.63 17.99 -20.54
CA ILE A 131 -13.18 16.84 -21.31
C ILE A 131 -13.06 17.28 -22.77
N GLY A 132 -14.01 18.10 -23.21
CA GLY A 132 -14.00 18.57 -24.58
C GLY A 132 -12.87 19.55 -24.85
N LEU A 133 -12.50 20.30 -23.82
CA LEU A 133 -11.45 21.29 -23.92
C LEU A 133 -10.06 20.63 -23.96
N TRP A 134 -9.88 19.61 -23.14
CA TRP A 134 -8.59 18.92 -23.07
C TRP A 134 -8.42 17.71 -23.98
N PHE A 135 -9.47 16.93 -24.19
CA PHE A 135 -9.37 15.75 -25.05
C PHE A 135 -9.96 15.97 -26.44
N LYS A 136 -9.20 15.60 -27.47
CA LYS A 136 -9.60 15.74 -28.86
C LYS A 136 -10.66 14.72 -29.22
N GLU A 137 -11.33 14.96 -30.34
CA GLU A 137 -12.35 14.04 -30.82
C GLU A 137 -11.63 12.74 -31.19
N GLY A 138 -11.86 11.68 -30.42
CA GLY A 138 -11.22 10.42 -30.72
C GLY A 138 -10.09 10.01 -29.80
N GLU A 139 -9.81 10.80 -28.77
CA GLU A 139 -8.74 10.43 -27.83
C GLU A 139 -9.35 9.59 -26.73
N LEU A 140 -10.65 9.76 -26.52
CA LEU A 140 -11.35 8.99 -25.50
C LEU A 140 -11.58 7.57 -26.00
N CYS A 141 -11.34 6.59 -25.12
CA CYS A 141 -11.50 5.17 -25.45
C CYS A 141 -12.65 4.52 -24.72
N LYS A 142 -13.64 4.07 -25.48
CA LYS A 142 -14.78 3.40 -24.91
C LYS A 142 -14.46 1.91 -24.80
N TRP A 143 -14.92 1.28 -23.72
CA TRP A 143 -14.70 -0.14 -23.54
C TRP A 143 -15.65 -0.68 -22.49
N ASP A 144 -15.80 -1.99 -22.46
CA ASP A 144 -16.70 -2.60 -21.48
C ASP A 144 -15.88 -3.28 -20.37
N SER A 145 -16.13 -2.85 -19.14
CA SER A 145 -15.43 -3.44 -18.00
C SER A 145 -16.00 -4.83 -17.74
N ALA A 146 -15.11 -5.81 -17.61
CA ALA A 146 -15.51 -7.20 -17.34
C ALA A 146 -16.18 -7.31 -15.96
N LEU A 147 -16.08 -6.25 -15.16
CA LEU A 147 -16.66 -6.23 -13.81
C LEU A 147 -17.86 -5.30 -13.76
N ALA A 148 -18.22 -4.72 -14.90
CA ALA A 148 -19.37 -3.83 -14.95
C ALA A 148 -20.53 -4.39 -14.12
N THR A 149 -20.76 -5.69 -14.26
CA THR A 149 -21.84 -6.37 -13.56
C THR A 149 -21.66 -6.54 -12.05
N TRP A 150 -20.47 -6.22 -11.54
CA TRP A 150 -20.23 -6.34 -10.11
C TRP A 150 -20.02 -4.95 -9.52
N LEU A 151 -19.93 -3.94 -10.39
CA LEU A 151 -19.80 -2.57 -9.93
C LEU A 151 -21.19 -1.96 -9.85
N ARG A 152 -22.04 -2.28 -10.84
CA ARG A 152 -23.41 -1.76 -10.88
C ARG A 152 -24.48 -2.78 -11.19
N GLU A 153 -25.74 -2.35 -11.13
CA GLU A 153 -26.87 -3.22 -11.43
C GLU A 153 -27.23 -3.09 -12.90
N VAL B 5 -17.60 -9.62 25.93
CA VAL B 5 -17.09 -8.58 25.05
C VAL B 5 -17.93 -8.49 23.78
N GLU B 6 -18.04 -7.28 23.26
CA GLU B 6 -18.82 -6.98 22.07
C GLU B 6 -18.28 -7.54 20.75
N GLU B 7 -19.18 -8.13 19.97
CA GLU B 7 -18.78 -8.68 18.69
C GLU B 7 -19.76 -8.28 17.60
N THR B 8 -19.25 -8.12 16.39
CA THR B 8 -20.09 -7.71 15.30
C THR B 8 -19.92 -8.64 14.10
N TYR B 9 -20.90 -8.61 13.22
CA TYR B 9 -20.88 -9.44 12.03
C TYR B 9 -20.54 -8.60 10.81
N ILE B 10 -19.46 -8.97 10.13
CA ILE B 10 -19.06 -8.26 8.91
C ILE B 10 -18.95 -9.29 7.78
N MET B 11 -19.56 -8.97 6.66
CA MET B 11 -19.55 -9.88 5.53
C MET B 11 -19.20 -9.18 4.23
N VAL B 12 -18.25 -9.76 3.50
CA VAL B 12 -17.85 -9.21 2.21
C VAL B 12 -18.85 -9.81 1.24
N LYS B 13 -19.58 -8.97 0.51
CA LYS B 13 -20.57 -9.47 -0.42
C LYS B 13 -19.95 -10.08 -1.68
N PRO B 14 -20.78 -10.70 -2.54
CA PRO B 14 -20.24 -11.31 -3.76
C PRO B 14 -19.34 -10.43 -4.62
N ASP B 15 -19.74 -9.18 -4.84
CA ASP B 15 -18.91 -8.29 -5.64
C ASP B 15 -17.55 -8.09 -4.99
N GLY B 16 -17.52 -8.07 -3.66
CA GLY B 16 -16.28 -7.91 -2.93
C GLY B 16 -15.30 -9.03 -3.26
N ILE B 17 -15.80 -10.26 -3.36
CA ILE B 17 -14.96 -11.40 -3.70
C ILE B 17 -14.58 -11.33 -5.19
N GLN B 18 -15.56 -11.04 -6.03
CA GLN B 18 -15.32 -10.96 -7.47
C GLN B 18 -14.24 -9.95 -7.80
N ARG B 19 -14.15 -8.89 -7.01
CA ARG B 19 -13.16 -7.84 -7.23
C ARG B 19 -11.88 -7.99 -6.41
N GLY B 20 -11.70 -9.15 -5.78
CA GLY B 20 -10.51 -9.40 -5.00
C GLY B 20 -10.26 -8.37 -3.91
N LEU B 21 -11.28 -8.11 -3.10
CA LEU B 21 -11.18 -7.14 -2.02
C LEU B 21 -11.22 -7.76 -0.63
N VAL B 22 -11.32 -9.08 -0.55
CA VAL B 22 -11.39 -9.78 0.73
C VAL B 22 -10.19 -9.45 1.61
N GLY B 23 -8.98 -9.70 1.10
CA GLY B 23 -7.79 -9.42 1.87
C GLY B 23 -7.81 -7.98 2.37
N GLU B 24 -8.00 -7.05 1.45
CA GLU B 24 -8.03 -5.64 1.78
C GLU B 24 -8.98 -5.30 2.93
N ILE B 25 -10.22 -5.77 2.85
CA ILE B 25 -11.19 -5.47 3.90
C ILE B 25 -10.76 -6.06 5.26
N ILE B 26 -10.31 -7.31 5.24
CA ILE B 26 -9.88 -7.96 6.47
C ILE B 26 -8.72 -7.18 7.10
N SER B 27 -7.76 -6.78 6.26
CA SER B 27 -6.59 -6.04 6.73
C SER B 27 -6.97 -4.76 7.45
N ARG B 28 -7.97 -4.06 6.93
CA ARG B 28 -8.40 -2.81 7.55
C ARG B 28 -8.81 -3.07 9.00
N PHE B 29 -9.63 -4.07 9.21
CA PHE B 29 -10.08 -4.39 10.57
C PHE B 29 -8.94 -4.94 11.41
N GLU B 30 -7.99 -5.59 10.75
CA GLU B 30 -6.84 -6.11 11.48
C GLU B 30 -6.00 -4.92 11.92
N LYS B 31 -5.66 -4.06 10.97
CA LYS B 31 -4.86 -2.88 11.27
C LYS B 31 -5.56 -1.90 12.19
N LYS B 32 -6.89 -1.98 12.25
CA LYS B 32 -7.62 -1.09 13.14
C LYS B 32 -7.35 -1.55 14.57
N GLY B 33 -7.33 -2.86 14.80
CA GLY B 33 -7.05 -3.37 16.12
C GLY B 33 -8.07 -4.31 16.75
N PHE B 34 -9.16 -4.58 16.05
CA PHE B 34 -10.15 -5.50 16.59
C PHE B 34 -9.71 -6.94 16.39
N LYS B 35 -10.27 -7.83 17.18
CA LYS B 35 -9.90 -9.23 17.10
C LYS B 35 -10.84 -10.10 16.27
N LEU B 36 -10.29 -10.75 15.27
CA LEU B 36 -11.05 -11.64 14.40
C LEU B 36 -11.34 -12.94 15.17
N ILE B 37 -12.61 -13.35 15.20
CA ILE B 37 -12.97 -14.56 15.91
C ILE B 37 -13.76 -15.55 15.03
N GLY B 38 -14.22 -15.07 13.88
CA GLY B 38 -14.96 -15.92 12.98
C GLY B 38 -14.66 -15.53 11.54
N LEU B 39 -14.42 -16.51 10.68
CA LEU B 39 -14.10 -16.23 9.29
C LEU B 39 -14.38 -17.44 8.40
N LYS B 40 -14.93 -17.18 7.21
CA LYS B 40 -15.20 -18.27 6.28
C LYS B 40 -15.79 -17.80 4.96
N MET B 41 -15.44 -18.51 3.88
CA MET B 41 -16.00 -18.21 2.58
C MET B 41 -17.20 -19.12 2.64
N PHE B 42 -18.37 -18.55 2.36
CA PHE B 42 -19.62 -19.28 2.48
C PHE B 42 -20.52 -19.04 1.28
N GLN B 43 -21.20 -20.10 0.84
CA GLN B 43 -22.13 -19.97 -0.27
C GLN B 43 -23.50 -19.98 0.39
N CYS B 44 -24.01 -18.78 0.64
CA CYS B 44 -25.29 -18.58 1.31
C CYS B 44 -26.53 -19.14 0.59
N PRO B 45 -27.13 -20.21 1.15
CA PRO B 45 -28.32 -20.76 0.51
C PRO B 45 -29.45 -19.73 0.57
N LYS B 46 -30.27 -19.66 -0.48
CA LYS B 46 -31.36 -18.69 -0.57
C LYS B 46 -32.16 -18.47 0.71
N GLU B 47 -32.49 -19.54 1.43
CA GLU B 47 -33.29 -19.38 2.63
C GLU B 47 -32.61 -18.58 3.72
N LEU B 48 -31.30 -18.79 3.90
CA LEU B 48 -30.56 -18.08 4.93
C LEU B 48 -30.50 -16.59 4.58
N ALA B 49 -30.38 -16.31 3.28
CA ALA B 49 -30.31 -14.95 2.78
C ALA B 49 -31.67 -14.27 2.98
N GLU B 50 -32.73 -14.97 2.64
CA GLU B 50 -34.08 -14.44 2.79
C GLU B 50 -34.46 -14.28 4.25
N GLU B 51 -33.78 -15.01 5.12
CA GLU B 51 -34.08 -14.89 6.53
C GLU B 51 -33.33 -13.70 7.07
N HIS B 52 -32.13 -13.48 6.55
CA HIS B 52 -31.34 -12.34 6.97
C HIS B 52 -32.12 -11.10 6.61
N TYR B 53 -32.58 -11.05 5.36
CA TYR B 53 -33.35 -9.92 4.85
C TYR B 53 -34.84 -10.13 5.04
N LYS B 54 -35.17 -10.93 6.04
CA LYS B 54 -36.56 -11.25 6.39
C LYS B 54 -37.49 -10.06 6.32
N ASP B 55 -37.06 -8.93 6.87
CA ASP B 55 -37.84 -7.70 6.91
C ASP B 55 -38.20 -7.09 5.56
N LEU B 56 -37.47 -7.47 4.51
CA LEU B 56 -37.72 -6.86 3.21
C LEU B 56 -38.55 -7.67 2.22
N SER B 57 -38.98 -8.87 2.62
CA SER B 57 -39.76 -9.74 1.75
C SER B 57 -40.84 -9.03 0.92
N ALA B 58 -41.47 -8.02 1.49
CA ALA B 58 -42.52 -7.28 0.80
C ALA B 58 -42.01 -6.31 -0.27
N LYS B 59 -40.82 -5.76 -0.05
CA LYS B 59 -40.23 -4.79 -0.97
C LYS B 59 -40.01 -5.36 -2.39
N SER B 60 -40.11 -4.48 -3.38
CA SER B 60 -39.95 -4.88 -4.79
C SER B 60 -38.54 -5.33 -5.19
N PHE B 61 -37.54 -4.86 -4.47
CA PHE B 61 -36.16 -5.23 -4.79
C PHE B 61 -35.75 -6.54 -4.12
N PHE B 62 -36.65 -7.15 -3.36
CA PHE B 62 -36.34 -8.39 -2.67
C PHE B 62 -35.72 -9.43 -3.60
N PRO B 63 -36.36 -9.71 -4.75
CA PRO B 63 -35.83 -10.70 -5.70
C PRO B 63 -34.37 -10.42 -6.07
N ASN B 64 -34.12 -9.20 -6.50
CA ASN B 64 -32.78 -8.76 -6.89
C ASN B 64 -31.78 -9.00 -5.76
N LEU B 65 -32.14 -8.54 -4.57
CA LEU B 65 -31.31 -8.67 -3.39
C LEU B 65 -30.86 -10.09 -3.12
N ILE B 66 -31.84 -11.01 -3.04
CA ILE B 66 -31.55 -12.41 -2.76
C ILE B 66 -30.66 -13.00 -3.84
N GLU B 67 -30.93 -12.62 -5.08
CA GLU B 67 -30.14 -13.12 -6.20
C GLU B 67 -28.70 -12.67 -6.02
N TYR B 68 -28.53 -11.38 -5.74
CA TYR B 68 -27.23 -10.75 -5.55
C TYR B 68 -26.42 -11.33 -4.40
N ILE B 69 -27.06 -11.47 -3.25
CA ILE B 69 -26.38 -11.99 -2.08
C ILE B 69 -26.02 -13.47 -2.24
N THR B 70 -26.64 -14.14 -3.20
CA THR B 70 -26.34 -15.55 -3.45
C THR B 70 -25.76 -15.76 -4.84
N SER B 71 -25.42 -14.67 -5.53
CA SER B 71 -24.87 -14.76 -6.88
C SER B 71 -23.44 -15.25 -6.90
N GLY B 72 -22.84 -15.39 -5.73
CA GLY B 72 -21.47 -15.85 -5.64
C GLY B 72 -21.11 -16.03 -4.18
N PRO B 73 -19.99 -16.68 -3.88
CA PRO B 73 -19.64 -16.87 -2.47
C PRO B 73 -19.38 -15.56 -1.75
N VAL B 74 -19.72 -15.51 -0.47
CA VAL B 74 -19.47 -14.31 0.33
C VAL B 74 -18.44 -14.72 1.39
N VAL B 75 -17.91 -13.75 2.10
CA VAL B 75 -16.94 -14.06 3.16
C VAL B 75 -17.53 -13.55 4.47
N CYS B 76 -17.87 -14.49 5.35
CA CYS B 76 -18.45 -14.17 6.64
C CYS B 76 -17.37 -13.88 7.66
N MET B 77 -17.63 -12.91 8.53
CA MET B 77 -16.68 -12.52 9.55
C MET B 77 -17.35 -12.16 10.87
N ALA B 78 -16.57 -12.29 11.93
CA ALA B 78 -16.99 -11.94 13.28
C ALA B 78 -15.78 -11.28 13.91
N TRP B 79 -15.97 -10.08 14.46
CA TRP B 79 -14.89 -9.34 15.11
C TRP B 79 -15.24 -8.98 16.54
N GLU B 80 -14.22 -8.90 17.38
CA GLU B 80 -14.41 -8.61 18.79
C GLU B 80 -13.73 -7.34 19.26
N GLY B 81 -14.29 -6.71 20.30
CA GLY B 81 -13.71 -5.50 20.83
C GLY B 81 -14.76 -4.50 21.25
N VAL B 82 -14.46 -3.74 22.30
CA VAL B 82 -15.39 -2.73 22.80
C VAL B 82 -15.66 -1.73 21.68
N GLY B 83 -16.93 -1.40 21.46
CA GLY B 83 -17.30 -0.46 20.42
C GLY B 83 -17.07 -0.95 18.99
N VAL B 84 -16.78 -2.24 18.85
CA VAL B 84 -16.52 -2.81 17.52
C VAL B 84 -17.69 -2.66 16.55
N VAL B 85 -18.93 -2.73 17.04
CA VAL B 85 -20.08 -2.60 16.15
C VAL B 85 -20.13 -1.24 15.47
N ALA B 86 -20.22 -0.17 16.25
CA ALA B 86 -20.27 1.20 15.73
C ALA B 86 -19.01 1.56 14.92
N SER B 87 -17.85 1.21 15.45
CA SER B 87 -16.61 1.49 14.73
C SER B 87 -16.63 0.82 13.36
N ALA B 88 -17.03 -0.45 13.32
CA ALA B 88 -17.10 -1.19 12.07
C ALA B 88 -18.10 -0.52 11.12
N ARG B 89 -19.08 0.18 11.68
CA ARG B 89 -20.06 0.87 10.85
C ARG B 89 -19.41 2.14 10.30
N LYS B 90 -18.50 2.70 11.07
CA LYS B 90 -17.79 3.91 10.67
C LYS B 90 -16.72 3.59 9.61
N LEU B 91 -15.99 2.50 9.81
CA LEU B 91 -14.94 2.09 8.89
C LEU B 91 -15.52 1.73 7.53
N ILE B 92 -16.66 1.06 7.55
CA ILE B 92 -17.32 0.65 6.33
C ILE B 92 -17.84 1.87 5.55
N GLY B 93 -18.61 2.73 6.21
CA GLY B 93 -19.13 3.92 5.55
C GLY B 93 -20.59 3.86 5.17
N LYS B 94 -21.19 5.02 4.90
CA LYS B 94 -22.59 5.12 4.50
C LYS B 94 -22.97 4.06 3.47
N THR B 95 -24.24 3.64 3.52
CA THR B 95 -24.78 2.61 2.62
C THR B 95 -24.49 2.85 1.16
N ASP B 96 -24.60 4.11 0.74
CA ASP B 96 -24.34 4.49 -0.65
C ASP B 96 -22.86 4.80 -0.82
N PRO B 97 -22.13 3.95 -1.54
CA PRO B 97 -20.70 4.19 -1.75
C PRO B 97 -20.35 5.61 -2.24
N LEU B 98 -21.24 6.22 -3.02
CA LEU B 98 -20.97 7.56 -3.55
C LEU B 98 -21.04 8.64 -2.47
N GLN B 99 -21.81 8.37 -1.41
CA GLN B 99 -21.94 9.31 -0.31
C GLN B 99 -20.95 8.95 0.78
N ALA B 100 -20.53 7.70 0.79
CA ALA B 100 -19.57 7.24 1.79
C ALA B 100 -18.34 8.14 1.67
N GLU B 101 -17.72 8.45 2.80
CA GLU B 101 -16.55 9.32 2.83
C GLU B 101 -15.22 8.66 2.43
N PRO B 102 -14.36 9.42 1.75
CA PRO B 102 -13.06 8.89 1.35
C PRO B 102 -12.35 8.44 2.62
N GLY B 103 -11.86 7.21 2.65
CA GLY B 103 -11.20 6.69 3.83
C GLY B 103 -11.95 5.46 4.31
N THR B 104 -13.25 5.43 4.04
CA THR B 104 -14.07 4.30 4.44
C THR B 104 -13.99 3.29 3.31
N ILE B 105 -14.31 2.03 3.63
CA ILE B 105 -14.28 0.97 2.64
C ILE B 105 -15.16 1.30 1.45
N ARG B 106 -16.47 1.33 1.66
CA ARG B 106 -17.37 1.63 0.56
C ARG B 106 -16.99 2.94 -0.11
N GLY B 107 -16.54 3.92 0.67
CA GLY B 107 -16.16 5.21 0.12
C GLY B 107 -14.92 5.12 -0.76
N ASP B 108 -13.97 4.31 -0.36
CA ASP B 108 -12.74 4.14 -1.11
C ASP B 108 -12.86 3.13 -2.24
N LEU B 109 -13.60 2.05 -2.00
CA LEU B 109 -13.69 0.96 -2.97
C LEU B 109 -14.98 0.63 -3.72
N ALA B 110 -16.08 1.36 -3.53
CA ALA B 110 -17.29 1.01 -4.27
C ALA B 110 -17.92 2.21 -4.97
N VAL B 111 -18.90 1.94 -5.83
CA VAL B 111 -19.57 3.01 -6.56
C VAL B 111 -21.10 2.98 -6.54
N GLN B 112 -21.70 1.88 -6.10
CA GLN B 112 -23.15 1.78 -6.07
C GLN B 112 -23.71 1.01 -4.89
N THR B 113 -24.85 1.48 -4.38
CA THR B 113 -25.51 0.85 -3.24
C THR B 113 -25.78 -0.63 -3.46
N GLY B 114 -26.22 -0.97 -4.67
CA GLY B 114 -26.53 -2.35 -5.01
C GLY B 114 -25.32 -3.24 -5.12
N ARG B 115 -24.14 -2.62 -5.08
CA ARG B 115 -22.87 -3.33 -5.18
C ARG B 115 -21.92 -2.67 -4.18
N ASN B 116 -22.41 -2.48 -2.96
CA ASN B 116 -21.63 -1.82 -1.92
C ASN B 116 -20.69 -2.73 -1.11
N ILE B 117 -20.12 -3.70 -1.81
CA ILE B 117 -19.12 -4.67 -1.33
C ILE B 117 -19.05 -5.26 0.08
N VAL B 118 -19.72 -4.67 1.07
CA VAL B 118 -19.60 -5.20 2.44
C VAL B 118 -20.79 -4.90 3.35
N HIS B 119 -20.90 -5.67 4.43
CA HIS B 119 -21.98 -5.48 5.38
C HIS B 119 -21.42 -5.38 6.79
N GLY B 120 -22.18 -4.74 7.67
CA GLY B 120 -21.77 -4.61 9.05
C GLY B 120 -22.99 -4.46 9.95
N SER B 121 -23.07 -5.29 10.97
CA SER B 121 -24.19 -5.23 11.91
C SER B 121 -24.37 -3.78 12.35
N ASP B 122 -25.59 -3.26 12.23
CA ASP B 122 -25.87 -1.86 12.58
C ASP B 122 -26.06 -1.59 14.07
N SER B 123 -26.06 -2.64 14.88
CA SER B 123 -26.20 -2.49 16.33
C SER B 123 -25.69 -3.74 17.01
N PRO B 124 -25.32 -3.64 18.29
CA PRO B 124 -24.82 -4.81 19.00
C PRO B 124 -25.82 -5.97 19.04
N GLU B 125 -27.10 -5.67 19.18
CA GLU B 125 -28.10 -6.72 19.21
C GLU B 125 -28.12 -7.43 17.86
N ASN B 126 -27.97 -6.67 16.78
CA ASN B 126 -27.97 -7.25 15.46
C ASN B 126 -26.69 -8.06 15.24
N GLY B 127 -25.61 -7.65 15.91
CA GLY B 127 -24.36 -8.36 15.78
C GLY B 127 -24.52 -9.79 16.24
N LYS B 128 -25.18 -9.96 17.39
CA LYS B 128 -25.42 -11.29 17.94
C LYS B 128 -26.37 -12.06 17.05
N ARG B 129 -27.44 -11.40 16.60
CA ARG B 129 -28.43 -12.02 15.75
C ARG B 129 -27.80 -12.57 14.47
N GLU B 130 -27.04 -11.72 13.78
CA GLU B 130 -26.40 -12.10 12.53
C GLU B 130 -25.27 -13.09 12.69
N ILE B 131 -24.43 -12.92 13.70
CA ILE B 131 -23.35 -13.87 13.90
C ILE B 131 -23.97 -15.24 14.15
N GLY B 132 -25.13 -15.24 14.80
CA GLY B 132 -25.82 -16.48 15.09
C GLY B 132 -26.53 -17.03 13.87
N LEU B 133 -26.97 -16.13 12.98
CA LEU B 133 -27.66 -16.57 11.78
C LEU B 133 -26.67 -17.13 10.75
N TRP B 134 -25.55 -16.43 10.55
CA TRP B 134 -24.55 -16.83 9.55
C TRP B 134 -23.50 -17.86 9.97
N PHE B 135 -23.22 -17.97 11.27
CA PHE B 135 -22.22 -18.92 11.73
C PHE B 135 -22.84 -20.08 12.49
N LYS B 136 -22.11 -21.19 12.58
CA LYS B 136 -22.53 -22.37 13.33
C LYS B 136 -21.60 -22.23 14.51
N GLU B 137 -21.91 -22.85 15.66
CA GLU B 137 -21.04 -22.64 16.84
C GLU B 137 -19.55 -22.94 16.75
N GLY B 138 -19.21 -24.20 16.53
CA GLY B 138 -17.81 -24.57 16.45
C GLY B 138 -17.02 -23.66 15.55
N GLU B 139 -17.72 -22.93 14.69
CA GLU B 139 -17.07 -22.02 13.75
C GLU B 139 -16.31 -20.87 14.37
N LEU B 140 -16.85 -20.26 15.42
CA LEU B 140 -16.13 -19.17 16.07
C LEU B 140 -14.90 -19.72 16.80
N CYS B 141 -13.85 -18.93 16.85
CA CYS B 141 -12.61 -19.35 17.50
C CYS B 141 -12.19 -18.34 18.56
N LYS B 142 -11.82 -18.81 19.74
CA LYS B 142 -11.38 -17.91 20.80
C LYS B 142 -9.87 -18.03 20.93
N TRP B 143 -9.23 -16.90 21.24
CA TRP B 143 -7.78 -16.92 21.39
C TRP B 143 -7.30 -15.67 22.14
N ASP B 144 -6.04 -15.70 22.58
CA ASP B 144 -5.49 -14.57 23.33
C ASP B 144 -4.56 -13.71 22.49
N SER B 145 -4.94 -12.46 22.26
CA SER B 145 -4.14 -11.57 21.45
C SER B 145 -2.92 -11.02 22.18
N ALA B 146 -1.75 -11.38 21.68
CA ALA B 146 -0.51 -10.92 22.27
C ALA B 146 -0.49 -9.41 22.47
N LEU B 147 -1.04 -8.67 21.52
CA LEU B 147 -1.04 -7.21 21.60
C LEU B 147 -2.17 -6.55 22.37
N ALA B 148 -2.95 -7.31 23.12
CA ALA B 148 -4.06 -6.70 23.87
C ALA B 148 -3.62 -5.57 24.80
N THR B 149 -2.56 -5.80 25.58
CA THR B 149 -2.09 -4.76 26.51
C THR B 149 -1.69 -3.47 25.79
N TRP B 150 -1.46 -3.56 24.48
CA TRP B 150 -1.09 -2.37 23.71
C TRP B 150 -2.25 -1.83 22.90
N LEU B 151 -3.36 -2.54 22.91
CA LEU B 151 -4.55 -2.10 22.19
C LEU B 151 -5.58 -1.48 23.13
N ARG B 152 -5.59 -1.93 24.38
CA ARG B 152 -6.51 -1.42 25.41
C ARG B 152 -5.81 -1.38 26.77
N GLU B 153 -6.38 -0.67 27.73
CA GLU B 153 -5.79 -0.59 29.06
C GLU B 153 -6.70 -1.25 30.07
N VAL C 5 9.15 29.49 10.19
CA VAL C 5 8.11 28.58 9.71
C VAL C 5 7.58 27.71 10.83
N GLU C 6 6.25 27.64 10.92
CA GLU C 6 5.55 26.86 11.94
C GLU C 6 6.00 25.41 12.06
N GLU C 7 6.15 24.95 13.30
CA GLU C 7 6.57 23.59 13.56
C GLU C 7 5.60 22.98 14.58
N THR C 8 5.53 21.65 14.62
CA THR C 8 4.68 20.99 15.60
C THR C 8 5.38 19.76 16.12
N TYR C 9 5.00 19.36 17.32
CA TYR C 9 5.60 18.18 17.91
C TYR C 9 4.67 16.98 17.71
N ILE C 10 5.17 15.94 17.05
CA ILE C 10 4.39 14.74 16.84
C ILE C 10 5.20 13.61 17.47
N MET C 11 4.51 12.67 18.10
CA MET C 11 5.20 11.59 18.78
C MET C 11 4.44 10.28 18.70
N VAL C 12 5.17 9.18 18.53
CA VAL C 12 4.53 7.88 18.48
C VAL C 12 4.57 7.32 19.88
N LYS C 13 3.40 7.10 20.47
CA LYS C 13 3.33 6.56 21.83
C LYS C 13 3.92 5.16 21.81
N PRO C 14 4.19 4.59 23.00
CA PRO C 14 4.77 3.25 23.10
C PRO C 14 3.97 2.16 22.41
N ASP C 15 2.64 2.27 22.43
CA ASP C 15 1.82 1.28 21.77
C ASP C 15 2.10 1.29 20.27
N GLY C 16 2.52 2.45 19.78
CA GLY C 16 2.85 2.58 18.36
C GLY C 16 4.07 1.73 18.03
N ILE C 17 5.12 1.84 18.84
CA ILE C 17 6.34 1.07 18.61
C ILE C 17 6.09 -0.44 18.69
N GLN C 18 5.46 -0.89 19.77
CA GLN C 18 5.16 -2.31 19.96
C GLN C 18 4.42 -2.91 18.76
N ARG C 19 3.61 -2.10 18.09
CA ARG C 19 2.82 -2.56 16.96
C ARG C 19 3.43 -2.28 15.58
N GLY C 20 4.65 -1.78 15.55
CA GLY C 20 5.29 -1.51 14.28
C GLY C 20 4.57 -0.46 13.46
N LEU C 21 4.28 0.67 14.09
CA LEU C 21 3.59 1.74 13.39
C LEU C 21 4.47 2.97 13.17
N VAL C 22 5.71 2.92 13.67
CA VAL C 22 6.62 4.05 13.50
C VAL C 22 6.76 4.50 12.05
N GLY C 23 7.21 3.59 11.18
CA GLY C 23 7.37 3.91 9.77
C GLY C 23 6.10 4.32 9.04
N GLU C 24 4.99 3.70 9.39
CA GLU C 24 3.73 3.99 8.75
C GLU C 24 3.22 5.38 9.10
N ILE C 25 3.42 5.77 10.36
CA ILE C 25 2.99 7.09 10.83
C ILE C 25 3.87 8.20 10.24
N ILE C 26 5.18 7.97 10.14
CA ILE C 26 6.05 8.96 9.57
C ILE C 26 5.69 9.16 8.10
N SER C 27 5.41 8.06 7.40
CA SER C 27 5.05 8.14 5.99
C SER C 27 3.82 8.98 5.75
N ARG C 28 2.85 8.92 6.65
CA ARG C 28 1.65 9.71 6.48
C ARG C 28 2.00 11.20 6.44
N PHE C 29 3.04 11.58 7.18
CA PHE C 29 3.46 12.97 7.21
C PHE C 29 4.46 13.31 6.09
N GLU C 30 5.11 12.30 5.53
CA GLU C 30 6.04 12.52 4.43
C GLU C 30 5.21 12.65 3.16
N LYS C 31 4.23 11.76 3.01
CA LYS C 31 3.34 11.78 1.86
C LYS C 31 2.44 13.01 1.83
N LYS C 32 2.14 13.56 2.99
CA LYS C 32 1.31 14.76 3.07
C LYS C 32 2.04 15.95 2.47
N GLY C 33 3.36 15.96 2.62
CA GLY C 33 4.18 17.04 2.10
C GLY C 33 4.95 17.80 3.17
N PHE C 34 4.80 17.42 4.45
CA PHE C 34 5.53 18.14 5.50
C PHE C 34 6.98 17.71 5.67
N LYS C 35 7.77 18.60 6.24
CA LYS C 35 9.20 18.37 6.45
C LYS C 35 9.63 17.90 7.83
N LEU C 36 10.25 16.74 7.87
CA LEU C 36 10.75 16.16 9.11
C LEU C 36 12.07 16.84 9.45
N ILE C 37 12.13 17.47 10.63
CA ILE C 37 13.34 18.15 11.06
C ILE C 37 13.79 17.65 12.42
N GLY C 38 13.01 16.75 13.00
CA GLY C 38 13.36 16.21 14.30
C GLY C 38 12.91 14.78 14.45
N LEU C 39 13.81 13.90 14.87
CA LEU C 39 13.46 12.50 15.04
C LEU C 39 14.45 11.78 15.95
N LYS C 40 13.94 10.89 16.79
CA LYS C 40 14.77 10.11 17.69
C LYS C 40 13.93 9.19 18.56
N MET C 41 14.35 7.94 18.71
CA MET C 41 13.62 7.02 19.58
C MET C 41 14.09 7.49 20.95
N PHE C 42 13.15 7.62 21.87
CA PHE C 42 13.47 8.15 23.18
C PHE C 42 12.79 7.39 24.31
N GLN C 43 13.51 7.18 25.41
CA GLN C 43 12.92 6.52 26.57
C GLN C 43 12.48 7.70 27.42
N CYS C 44 11.19 7.90 27.54
CA CYS C 44 10.70 9.04 28.30
C CYS C 44 10.69 8.88 29.80
N PRO C 45 11.34 9.83 30.50
CA PRO C 45 11.40 9.82 31.96
C PRO C 45 10.09 10.31 32.55
N LYS C 46 9.73 9.75 33.70
CA LYS C 46 8.50 10.10 34.39
C LYS C 46 8.34 11.61 34.59
N GLU C 47 9.42 12.30 34.94
CA GLU C 47 9.35 13.75 35.14
C GLU C 47 8.91 14.49 33.87
N LEU C 48 9.56 14.16 32.76
CA LEU C 48 9.25 14.78 31.46
C LEU C 48 7.83 14.46 31.00
N ALA C 49 7.37 13.24 31.31
CA ALA C 49 6.02 12.81 30.94
C ALA C 49 5.01 13.67 31.70
N GLU C 50 5.39 14.05 32.92
CA GLU C 50 4.52 14.88 33.76
C GLU C 50 4.41 16.33 33.29
N GLU C 51 5.54 16.94 32.94
CA GLU C 51 5.52 18.33 32.46
C GLU C 51 4.62 18.43 31.24
N HIS C 52 4.84 17.52 30.29
CA HIS C 52 4.07 17.48 29.05
C HIS C 52 2.57 17.52 29.36
N TYR C 53 2.10 16.50 30.08
CA TYR C 53 0.69 16.39 30.45
C TYR C 53 0.33 17.10 31.74
N LYS C 54 0.80 18.33 31.90
CA LYS C 54 0.54 19.13 33.08
C LYS C 54 -0.97 19.37 33.26
N ASP C 55 -1.66 19.68 32.17
CA ASP C 55 -3.10 19.95 32.19
C ASP C 55 -3.96 18.81 32.68
N LEU C 56 -3.49 17.59 32.50
CA LEU C 56 -4.25 16.41 32.89
C LEU C 56 -3.77 15.85 34.22
N SER C 57 -3.04 16.67 34.96
CA SER C 57 -2.48 16.27 36.25
C SER C 57 -3.53 15.81 37.26
N ALA C 58 -4.56 16.62 37.45
CA ALA C 58 -5.62 16.31 38.41
C ALA C 58 -6.68 15.34 37.90
N LYS C 59 -6.43 14.75 36.74
CA LYS C 59 -7.37 13.77 36.17
C LYS C 59 -7.13 12.44 36.89
N SER C 60 -8.12 11.57 36.93
CA SER C 60 -7.97 10.29 37.62
C SER C 60 -7.17 9.29 36.80
N PHE C 61 -7.10 9.52 35.49
CA PHE C 61 -6.37 8.64 34.59
C PHE C 61 -4.92 9.10 34.41
N PHE C 62 -4.57 10.21 35.07
CA PHE C 62 -3.23 10.76 34.96
C PHE C 62 -2.17 9.73 35.31
N PRO C 63 -2.20 9.17 36.52
CA PRO C 63 -1.20 8.17 36.88
C PRO C 63 -1.00 7.08 35.84
N ASN C 64 -2.10 6.48 35.39
CA ASN C 64 -2.03 5.42 34.38
C ASN C 64 -1.35 5.94 33.13
N LEU C 65 -1.67 7.20 32.81
CA LEU C 65 -1.13 7.88 31.64
C LEU C 65 0.40 7.97 31.72
N ILE C 66 0.90 8.45 32.85
CA ILE C 66 2.34 8.60 33.04
C ILE C 66 3.08 7.27 32.96
N GLU C 67 2.47 6.21 33.50
CA GLU C 67 3.10 4.91 33.45
C GLU C 67 3.05 4.34 32.05
N TYR C 68 2.01 4.72 31.32
CA TYR C 68 1.85 4.28 29.94
C TYR C 68 2.94 4.93 29.07
N ILE C 69 3.03 6.26 29.15
CA ILE C 69 4.03 7.00 28.39
C ILE C 69 5.45 6.57 28.73
N THR C 70 5.63 6.00 29.92
CA THR C 70 6.96 5.55 30.34
C THR C 70 7.13 4.04 30.17
N SER C 71 6.07 3.36 29.76
CA SER C 71 6.07 1.91 29.60
C SER C 71 7.01 1.35 28.55
N GLY C 72 7.48 2.21 27.65
CA GLY C 72 8.38 1.77 26.61
C GLY C 72 8.94 2.97 25.86
N PRO C 73 9.94 2.79 24.99
CA PRO C 73 10.43 3.97 24.31
C PRO C 73 9.37 4.54 23.38
N VAL C 74 9.50 5.82 23.06
CA VAL C 74 8.57 6.48 22.14
C VAL C 74 9.38 7.07 20.99
N VAL C 75 8.69 7.54 19.96
CA VAL C 75 9.39 8.14 18.83
C VAL C 75 9.03 9.63 18.75
N CYS C 76 9.98 10.48 19.14
CA CYS C 76 9.83 11.94 19.14
C CYS C 76 10.00 12.54 17.76
N MET C 77 9.07 13.41 17.36
CA MET C 77 9.16 14.03 16.05
C MET C 77 8.84 15.54 16.00
N ALA C 78 9.50 16.21 15.07
CA ALA C 78 9.30 17.63 14.84
C ALA C 78 9.12 17.81 13.33
N TRP C 79 7.98 18.37 12.93
CA TRP C 79 7.70 18.60 11.52
C TRP C 79 7.51 20.07 11.25
N GLU C 80 7.97 20.50 10.09
CA GLU C 80 7.87 21.91 9.71
C GLU C 80 6.94 22.08 8.52
N GLY C 81 6.37 23.28 8.41
CA GLY C 81 5.46 23.58 7.32
C GLY C 81 4.36 24.50 7.84
N VAL C 82 3.97 25.49 7.04
CA VAL C 82 2.92 26.39 7.49
C VAL C 82 1.62 25.61 7.59
N GLY C 83 0.93 25.78 8.72
CA GLY C 83 -0.33 25.10 8.97
C GLY C 83 -0.13 23.67 9.46
N VAL C 84 1.11 23.26 9.65
CA VAL C 84 1.40 21.89 10.09
C VAL C 84 0.73 21.48 11.40
N VAL C 85 0.79 22.33 12.41
CA VAL C 85 0.19 22.02 13.70
C VAL C 85 -1.27 21.60 13.52
N ALA C 86 -2.04 22.43 12.84
CA ALA C 86 -3.45 22.13 12.62
C ALA C 86 -3.63 20.91 11.70
N SER C 87 -2.81 20.80 10.67
CA SER C 87 -2.91 19.68 9.74
C SER C 87 -2.63 18.34 10.44
N ALA C 88 -1.62 18.34 11.30
CA ALA C 88 -1.25 17.12 12.03
C ALA C 88 -2.42 16.65 12.90
N ARG C 89 -3.13 17.61 13.51
CA ARG C 89 -4.28 17.31 14.37
C ARG C 89 -5.28 16.50 13.57
N LYS C 90 -5.67 17.00 12.40
CA LYS C 90 -6.59 16.28 11.53
C LYS C 90 -6.03 14.88 11.21
N LEU C 91 -4.86 14.83 10.59
CA LEU C 91 -4.30 13.52 10.26
C LEU C 91 -4.33 12.56 11.43
N ILE C 92 -4.15 13.09 12.63
CA ILE C 92 -4.13 12.26 13.83
C ILE C 92 -5.52 11.76 14.21
N GLY C 93 -6.53 12.60 14.04
CA GLY C 93 -7.89 12.21 14.37
C GLY C 93 -8.26 12.45 15.82
N LYS C 94 -9.57 12.36 16.12
CA LYS C 94 -10.08 12.57 17.48
C LYS C 94 -9.39 11.72 18.53
N THR C 95 -9.40 12.21 19.77
CA THR C 95 -8.77 11.52 20.89
C THR C 95 -9.22 10.07 21.05
N ASP C 96 -10.52 9.82 21.01
CA ASP C 96 -11.01 8.45 21.14
C ASP C 96 -10.94 7.83 19.74
N PRO C 97 -10.01 6.89 19.55
CA PRO C 97 -9.83 6.23 18.25
C PRO C 97 -11.14 5.77 17.62
N LEU C 98 -12.08 5.30 18.45
CA LEU C 98 -13.37 4.82 17.98
C LEU C 98 -14.22 5.90 17.36
N GLN C 99 -13.90 7.16 17.64
CA GLN C 99 -14.65 8.29 17.08
C GLN C 99 -13.90 9.01 15.95
N ALA C 100 -12.58 8.83 15.89
CA ALA C 100 -11.78 9.44 14.84
C ALA C 100 -12.24 8.82 13.51
N GLU C 101 -12.39 9.65 12.49
CA GLU C 101 -12.86 9.18 11.19
C GLU C 101 -11.88 8.34 10.42
N PRO C 102 -12.39 7.48 9.53
CA PRO C 102 -11.50 6.64 8.74
C PRO C 102 -10.65 7.61 7.93
N GLY C 103 -9.38 7.27 7.71
CA GLY C 103 -8.52 8.17 6.97
C GLY C 103 -7.50 8.79 7.89
N THR C 104 -7.89 8.99 9.15
CA THR C 104 -7.00 9.55 10.16
C THR C 104 -6.22 8.41 10.78
N ILE C 105 -5.10 8.76 11.39
CA ILE C 105 -4.25 7.76 12.03
C ILE C 105 -4.98 7.01 13.15
N ARG C 106 -5.66 7.73 14.04
CA ARG C 106 -6.37 7.05 15.11
C ARG C 106 -7.60 6.30 14.57
N GLY C 107 -8.22 6.85 13.55
CA GLY C 107 -9.37 6.21 12.97
C GLY C 107 -9.04 4.94 12.20
N ASP C 108 -7.81 4.83 11.70
CA ASP C 108 -7.45 3.62 10.96
C ASP C 108 -6.65 2.62 11.78
N LEU C 109 -5.96 3.08 12.80
CA LEU C 109 -5.11 2.15 13.52
C LEU C 109 -5.25 1.97 15.03
N ALA C 110 -6.24 2.60 15.65
CA ALA C 110 -6.40 2.44 17.09
C ALA C 110 -7.84 2.13 17.48
N VAL C 111 -8.04 1.66 18.71
CA VAL C 111 -9.37 1.31 19.15
C VAL C 111 -9.78 1.90 20.49
N GLN C 112 -8.82 2.27 21.33
CA GLN C 112 -9.18 2.85 22.61
C GLN C 112 -8.42 4.14 22.88
N THR C 113 -9.02 5.03 23.66
CA THR C 113 -8.42 6.32 23.98
C THR C 113 -7.08 6.24 24.71
N GLY C 114 -6.96 5.28 25.61
CA GLY C 114 -5.73 5.13 26.38
C GLY C 114 -4.57 4.50 25.64
N ARG C 115 -4.77 4.22 24.36
CA ARG C 115 -3.73 3.61 23.54
C ARG C 115 -3.87 4.18 22.13
N ASN C 116 -3.97 5.50 22.02
CA ASN C 116 -4.16 6.13 20.71
C ASN C 116 -2.91 6.33 19.85
N ILE C 117 -1.93 5.48 20.03
CA ILE C 117 -0.68 5.47 19.24
C ILE C 117 0.06 6.76 18.87
N VAL C 118 -0.60 7.91 18.85
CA VAL C 118 0.11 9.12 18.44
C VAL C 118 -0.32 10.41 19.14
N HIS C 119 0.58 11.40 19.11
CA HIS C 119 0.34 12.70 19.71
C HIS C 119 0.70 13.82 18.75
N GLY C 120 0.09 14.97 18.94
CA GLY C 120 0.38 16.13 18.11
C GLY C 120 0.00 17.37 18.88
N SER C 121 0.86 18.39 18.87
CA SER C 121 0.58 19.64 19.56
C SER C 121 -0.80 20.11 19.13
N ASP C 122 -1.55 20.74 20.03
CA ASP C 122 -2.86 21.20 19.64
C ASP C 122 -2.86 22.65 19.14
N SER C 123 -1.71 23.31 19.25
CA SER C 123 -1.58 24.68 18.77
C SER C 123 -0.11 25.01 18.48
N PRO C 124 0.13 26.04 17.66
CA PRO C 124 1.49 26.46 17.29
C PRO C 124 2.43 26.76 18.46
N GLU C 125 1.92 27.44 19.49
CA GLU C 125 2.75 27.75 20.64
C GLU C 125 2.97 26.53 21.50
N ASN C 126 2.08 25.55 21.43
CA ASN C 126 2.25 24.33 22.20
C ASN C 126 3.20 23.44 21.38
N GLY C 127 3.33 23.75 20.09
CA GLY C 127 4.23 22.98 19.26
C GLY C 127 5.62 23.40 19.69
N LYS C 128 5.82 24.72 19.72
CA LYS C 128 7.09 25.32 20.11
C LYS C 128 7.45 24.87 21.51
N ARG C 129 6.47 24.92 22.41
CA ARG C 129 6.67 24.51 23.79
C ARG C 129 7.03 23.03 23.91
N GLU C 130 6.43 22.19 23.07
CA GLU C 130 6.69 20.77 23.14
C GLU C 130 8.01 20.35 22.51
N ILE C 131 8.43 21.06 21.47
CA ILE C 131 9.69 20.74 20.83
C ILE C 131 10.83 21.13 21.77
N GLY C 132 10.64 22.20 22.52
CA GLY C 132 11.67 22.64 23.44
C GLY C 132 11.77 21.69 24.62
N LEU C 133 10.69 20.98 24.89
CA LEU C 133 10.65 20.07 26.02
C LEU C 133 11.16 18.68 25.65
N TRP C 134 10.90 18.24 24.42
CA TRP C 134 11.34 16.93 23.99
C TRP C 134 12.68 16.84 23.27
N PHE C 135 13.06 17.92 22.59
CA PHE C 135 14.32 17.92 21.87
C PHE C 135 15.34 18.88 22.49
N LYS C 136 16.60 18.47 22.47
CA LYS C 136 17.66 19.31 22.99
C LYS C 136 17.99 20.27 21.85
N GLU C 137 18.98 21.13 22.07
CA GLU C 137 19.42 22.13 21.10
C GLU C 137 19.55 21.70 19.64
N GLY C 138 20.71 21.16 19.30
CA GLY C 138 20.97 20.77 17.92
C GLY C 138 20.40 19.46 17.44
N GLU C 139 19.44 18.88 18.16
CA GLU C 139 18.86 17.62 17.71
C GLU C 139 17.98 17.86 16.49
N LEU C 140 17.60 19.11 16.30
CA LEU C 140 16.80 19.50 15.15
C LEU C 140 17.76 19.72 14.00
N CYS C 141 17.34 19.35 12.80
CA CYS C 141 18.19 19.50 11.63
C CYS C 141 17.49 20.33 10.56
N LYS C 142 18.06 21.48 10.25
CA LYS C 142 17.48 22.36 9.24
C LYS C 142 17.95 21.99 7.84
N TRP C 143 16.99 21.86 6.92
CA TRP C 143 17.27 21.52 5.54
C TRP C 143 16.10 21.96 4.69
N ASP C 144 16.32 22.15 3.40
CA ASP C 144 15.26 22.58 2.50
C ASP C 144 14.97 21.51 1.46
N SER C 145 13.68 21.21 1.30
CA SER C 145 13.22 20.21 0.36
C SER C 145 13.38 20.66 -1.09
N ALA C 146 13.83 19.75 -1.95
CA ALA C 146 14.02 20.05 -3.36
C ALA C 146 12.67 20.25 -4.02
N LEU C 147 11.61 19.85 -3.32
CA LEU C 147 10.26 19.97 -3.83
C LEU C 147 9.52 21.21 -3.33
N ALA C 148 10.25 22.09 -2.65
CA ALA C 148 9.67 23.31 -2.11
C ALA C 148 8.74 24.03 -3.08
N THR C 149 9.22 24.30 -4.29
CA THR C 149 8.42 25.00 -5.28
C THR C 149 7.15 24.28 -5.72
N TRP C 150 7.05 23.00 -5.45
CA TRP C 150 5.87 22.26 -5.87
C TRP C 150 4.94 21.89 -4.74
N LEU C 151 5.27 22.37 -3.54
CA LEU C 151 4.46 22.11 -2.36
C LEU C 151 3.83 23.41 -1.88
N ARG C 152 4.43 24.54 -2.27
CA ARG C 152 3.91 25.84 -1.89
C ARG C 152 4.43 26.90 -2.86
N GLU C 153 3.57 27.85 -3.21
CA GLU C 153 3.93 28.92 -4.14
C GLU C 153 4.66 30.06 -3.46
N SER D 1 27.67 13.54 -12.54
CA SER D 1 27.88 12.36 -13.37
C SER D 1 27.25 12.57 -14.73
N MET D 2 27.92 12.05 -15.75
CA MET D 2 27.44 12.15 -17.13
C MET D 2 27.15 10.75 -17.65
N GLU D 3 25.90 10.50 -18.05
CA GLU D 3 25.53 9.21 -18.60
C GLU D 3 24.17 9.28 -19.25
N ASP D 4 24.17 9.21 -20.58
CA ASP D 4 22.95 9.29 -21.38
C ASP D 4 21.74 8.61 -20.77
N VAL D 5 20.62 9.28 -20.91
CA VAL D 5 19.34 8.81 -20.41
C VAL D 5 18.60 8.22 -21.59
N GLU D 6 18.41 6.90 -21.57
CA GLU D 6 17.70 6.26 -22.64
C GLU D 6 16.19 6.36 -22.41
N GLU D 7 15.43 5.98 -23.42
CA GLU D 7 13.99 6.00 -23.32
C GLU D 7 13.54 4.59 -23.59
N THR D 8 12.46 4.19 -22.93
CA THR D 8 11.93 2.87 -23.13
C THR D 8 10.44 2.93 -23.20
N TYR D 9 9.86 2.13 -24.09
CA TYR D 9 8.42 2.13 -24.22
C TYR D 9 7.89 1.07 -23.28
N ILE D 10 6.90 1.46 -22.49
CA ILE D 10 6.27 0.55 -21.56
C ILE D 10 4.79 0.61 -21.83
N MET D 11 4.17 -0.55 -21.97
CA MET D 11 2.76 -0.59 -22.28
C MET D 11 1.92 -1.48 -21.37
N VAL D 12 0.86 -0.92 -20.80
CA VAL D 12 -0.02 -1.71 -19.97
C VAL D 12 -0.99 -2.30 -21.01
N LYS D 13 -1.13 -3.62 -20.99
CA LYS D 13 -1.98 -4.29 -21.95
C LYS D 13 -3.46 -4.31 -21.59
N PRO D 14 -4.33 -4.76 -22.51
CA PRO D 14 -5.77 -4.81 -22.26
C PRO D 14 -6.15 -5.36 -20.89
N ASP D 15 -5.60 -6.52 -20.55
CA ASP D 15 -5.88 -7.12 -19.26
C ASP D 15 -5.47 -6.19 -18.12
N GLY D 16 -4.31 -5.56 -18.25
CA GLY D 16 -3.85 -4.64 -17.21
C GLY D 16 -4.89 -3.56 -16.94
N ILE D 17 -5.56 -3.12 -18.00
CA ILE D 17 -6.60 -2.10 -17.89
C ILE D 17 -7.83 -2.69 -17.20
N GLN D 18 -8.30 -3.80 -17.73
CA GLN D 18 -9.47 -4.50 -17.19
C GLN D 18 -9.34 -4.80 -15.70
N ARG D 19 -8.13 -5.11 -15.26
CA ARG D 19 -7.94 -5.43 -13.86
C ARG D 19 -7.64 -4.20 -13.01
N GLY D 20 -7.61 -3.03 -13.63
CA GLY D 20 -7.35 -1.82 -12.87
C GLY D 20 -5.97 -1.74 -12.25
N LEU D 21 -4.95 -2.02 -13.05
CA LEU D 21 -3.57 -2.00 -12.59
C LEU D 21 -2.81 -0.83 -13.21
N VAL D 22 -3.52 0.08 -13.88
CA VAL D 22 -2.85 1.20 -14.53
C VAL D 22 -2.16 2.13 -13.53
N GLY D 23 -2.82 2.38 -12.41
CA GLY D 23 -2.25 3.26 -11.40
C GLY D 23 -1.07 2.62 -10.70
N GLU D 24 -1.20 1.32 -10.46
CA GLU D 24 -0.19 0.55 -9.77
C GLU D 24 1.11 0.42 -10.56
N ILE D 25 0.99 0.04 -11.83
CA ILE D 25 2.17 -0.10 -12.68
C ILE D 25 2.95 1.21 -12.78
N ILE D 26 2.24 2.30 -13.03
CA ILE D 26 2.88 3.60 -13.13
C ILE D 26 3.59 3.97 -11.83
N SER D 27 2.91 3.72 -10.70
CA SER D 27 3.47 4.03 -9.39
C SER D 27 4.76 3.29 -9.09
N ARG D 28 4.92 2.10 -9.68
CA ARG D 28 6.12 1.33 -9.44
C ARG D 28 7.35 2.04 -9.99
N PHE D 29 7.24 2.54 -11.22
CA PHE D 29 8.35 3.23 -11.87
C PHE D 29 8.54 4.62 -11.31
N GLU D 30 7.46 5.26 -10.87
CA GLU D 30 7.56 6.59 -10.29
C GLU D 30 8.35 6.52 -9.01
N LYS D 31 8.13 5.46 -8.24
CA LYS D 31 8.83 5.27 -6.97
C LYS D 31 10.27 4.83 -7.23
N LYS D 32 10.46 4.10 -8.31
CA LYS D 32 11.79 3.63 -8.66
C LYS D 32 12.68 4.86 -8.82
N GLY D 33 12.11 5.91 -9.41
CA GLY D 33 12.85 7.14 -9.62
C GLY D 33 13.05 7.49 -11.09
N PHE D 34 12.22 6.91 -11.96
CA PHE D 34 12.31 7.19 -13.39
C PHE D 34 11.31 8.24 -13.82
N LYS D 35 11.60 8.90 -14.94
CA LYS D 35 10.76 9.96 -15.43
C LYS D 35 9.72 9.53 -16.49
N LEU D 36 8.50 10.01 -16.34
CA LEU D 36 7.43 9.71 -17.28
C LEU D 36 7.39 10.89 -18.26
N ILE D 37 7.58 10.62 -19.55
CA ILE D 37 7.55 11.66 -20.57
C ILE D 37 6.50 11.42 -21.64
N GLY D 38 5.94 10.23 -21.67
CA GLY D 38 4.91 9.91 -22.65
C GLY D 38 3.84 9.04 -22.04
N LEU D 39 2.57 9.45 -22.10
CA LEU D 39 1.50 8.67 -21.51
C LEU D 39 0.15 8.89 -22.18
N LYS D 40 -0.59 7.80 -22.43
CA LYS D 40 -1.90 7.94 -23.04
C LYS D 40 -2.69 6.64 -23.15
N MET D 41 -3.99 6.69 -22.85
CA MET D 41 -4.82 5.50 -23.00
C MET D 41 -5.00 5.45 -24.52
N PHE D 42 -5.02 4.25 -25.10
CA PHE D 42 -5.06 4.17 -26.55
C PHE D 42 -5.69 2.88 -27.04
N GLN D 43 -6.61 3.01 -27.97
CA GLN D 43 -7.27 1.84 -28.58
C GLN D 43 -6.38 1.60 -29.80
N CYS D 44 -5.52 0.58 -29.70
CA CYS D 44 -4.57 0.28 -30.77
C CYS D 44 -5.12 -0.23 -32.09
N PRO D 45 -4.87 0.52 -33.16
CA PRO D 45 -5.38 0.05 -34.46
C PRO D 45 -4.64 -1.22 -34.87
N LYS D 46 -5.35 -2.08 -35.59
CA LYS D 46 -4.81 -3.35 -36.06
C LYS D 46 -3.49 -3.24 -36.81
N GLU D 47 -3.33 -2.21 -37.64
CA GLU D 47 -2.09 -2.02 -38.42
C GLU D 47 -0.89 -1.76 -37.51
N LEU D 48 -1.04 -0.79 -36.62
CA LEU D 48 0.01 -0.39 -35.69
C LEU D 48 0.51 -1.59 -34.90
N ALA D 49 -0.41 -2.34 -34.32
CA ALA D 49 -0.07 -3.52 -33.53
C ALA D 49 0.62 -4.58 -34.39
N GLU D 50 0.22 -4.68 -35.64
CA GLU D 50 0.84 -5.63 -36.55
C GLU D 50 2.26 -5.14 -36.89
N GLU D 51 2.45 -3.82 -36.90
CA GLU D 51 3.76 -3.24 -37.17
C GLU D 51 4.61 -3.47 -35.94
N HIS D 52 3.99 -3.27 -34.79
CA HIS D 52 4.67 -3.45 -33.52
C HIS D 52 5.25 -4.85 -33.40
N TYR D 53 4.45 -5.88 -33.69
CA TYR D 53 4.90 -7.27 -33.62
C TYR D 53 5.37 -7.81 -34.96
N LYS D 54 5.70 -6.90 -35.87
CA LYS D 54 6.18 -7.21 -37.21
C LYS D 54 7.00 -8.50 -37.31
N ASP D 55 7.94 -8.68 -36.39
CA ASP D 55 8.81 -9.86 -36.38
C ASP D 55 8.09 -11.20 -36.16
N LEU D 56 6.91 -11.15 -35.54
CA LEU D 56 6.15 -12.34 -35.24
C LEU D 56 5.02 -12.59 -36.23
N SER D 57 4.96 -11.78 -37.26
CA SER D 57 3.91 -11.88 -38.27
C SER D 57 3.79 -13.24 -38.93
N ALA D 58 4.83 -14.06 -38.85
CA ALA D 58 4.76 -15.37 -39.49
C ALA D 58 4.24 -16.44 -38.56
N LYS D 59 4.43 -16.22 -37.26
CA LYS D 59 3.99 -17.16 -36.23
C LYS D 59 2.51 -17.51 -36.33
N SER D 60 2.12 -18.63 -35.73
CA SER D 60 0.74 -19.08 -35.76
C SER D 60 -0.13 -18.44 -34.67
N PHE D 61 0.52 -17.75 -33.74
CA PHE D 61 -0.22 -17.10 -32.68
C PHE D 61 -0.43 -15.63 -32.99
N PHE D 62 0.29 -15.13 -34.00
CA PHE D 62 0.21 -13.73 -34.41
C PHE D 62 -1.23 -13.25 -34.55
N PRO D 63 -2.08 -14.00 -35.28
CA PRO D 63 -3.48 -13.56 -35.45
C PRO D 63 -4.12 -13.34 -34.09
N ASN D 64 -4.00 -14.36 -33.24
CA ASN D 64 -4.58 -14.31 -31.92
C ASN D 64 -3.95 -13.22 -31.09
N LEU D 65 -2.65 -12.97 -31.28
CA LEU D 65 -1.94 -11.92 -30.54
C LEU D 65 -2.46 -10.53 -30.88
N ILE D 66 -2.64 -10.26 -32.17
CA ILE D 66 -3.11 -8.97 -32.62
C ILE D 66 -4.55 -8.77 -32.13
N GLU D 67 -5.32 -9.84 -32.19
CA GLU D 67 -6.69 -9.84 -31.75
C GLU D 67 -6.81 -9.33 -30.30
N TYR D 68 -6.05 -9.96 -29.41
CA TYR D 68 -6.06 -9.62 -27.99
C TYR D 68 -5.59 -8.20 -27.70
N ILE D 69 -4.39 -7.87 -28.18
CA ILE D 69 -3.78 -6.57 -27.95
C ILE D 69 -4.63 -5.39 -28.46
N THR D 70 -5.61 -5.67 -29.32
CA THR D 70 -6.48 -4.62 -29.83
C THR D 70 -7.89 -4.80 -29.30
N SER D 71 -8.12 -5.90 -28.57
CA SER D 71 -9.45 -6.18 -28.05
C SER D 71 -9.95 -5.18 -27.03
N GLY D 72 -9.05 -4.31 -26.56
CA GLY D 72 -9.45 -3.32 -25.58
C GLY D 72 -8.40 -2.23 -25.54
N PRO D 73 -8.68 -1.10 -24.91
CA PRO D 73 -7.64 -0.09 -24.90
C PRO D 73 -6.47 -0.50 -24.03
N VAL D 74 -5.29 0.07 -24.34
CA VAL D 74 -4.07 -0.20 -23.60
C VAL D 74 -3.59 1.17 -23.14
N VAL D 75 -2.52 1.19 -22.36
CA VAL D 75 -1.97 2.45 -21.88
C VAL D 75 -0.55 2.53 -22.41
N CYS D 76 -0.26 3.61 -23.14
CA CYS D 76 1.05 3.82 -23.73
C CYS D 76 1.92 4.68 -22.84
N MET D 77 3.09 4.18 -22.48
CA MET D 77 3.99 4.94 -21.64
C MET D 77 5.41 5.02 -22.15
N ALA D 78 6.03 6.18 -21.96
CA ALA D 78 7.42 6.39 -22.37
C ALA D 78 8.15 6.84 -21.13
N TRP D 79 9.15 6.06 -20.74
CA TRP D 79 9.94 6.38 -19.56
C TRP D 79 11.38 6.67 -19.89
N GLU D 80 11.87 7.75 -19.31
CA GLU D 80 13.23 8.20 -19.55
C GLU D 80 14.05 7.95 -18.31
N GLY D 81 15.34 7.66 -18.51
CA GLY D 81 16.22 7.41 -17.37
C GLY D 81 17.50 6.70 -17.79
N VAL D 82 18.49 6.68 -16.90
CA VAL D 82 19.75 6.02 -17.19
C VAL D 82 19.63 4.52 -16.92
N GLY D 83 19.80 3.71 -17.97
CA GLY D 83 19.69 2.27 -17.81
C GLY D 83 18.26 1.90 -17.50
N VAL D 84 17.32 2.70 -17.98
CA VAL D 84 15.90 2.45 -17.72
C VAL D 84 15.32 1.27 -18.48
N VAL D 85 15.79 1.02 -19.68
CA VAL D 85 15.27 -0.10 -20.46
C VAL D 85 15.46 -1.41 -19.72
N ALA D 86 16.71 -1.74 -19.40
CA ALA D 86 17.03 -2.97 -18.68
C ALA D 86 16.36 -2.97 -17.32
N SER D 87 16.34 -1.80 -16.68
CA SER D 87 15.73 -1.67 -15.39
C SER D 87 14.24 -2.03 -15.49
N ALA D 88 13.58 -1.49 -16.51
CA ALA D 88 12.17 -1.75 -16.72
C ALA D 88 11.94 -3.25 -16.88
N ARG D 89 12.80 -3.89 -17.69
CA ARG D 89 12.72 -5.32 -17.91
C ARG D 89 12.84 -6.10 -16.60
N LYS D 90 13.71 -5.62 -15.72
CA LYS D 90 13.88 -6.27 -14.45
C LYS D 90 12.62 -6.12 -13.61
N LEU D 91 12.15 -4.88 -13.44
CA LEU D 91 10.95 -4.63 -12.65
C LEU D 91 9.75 -5.41 -13.17
N ILE D 92 9.69 -5.61 -14.48
CA ILE D 92 8.56 -6.33 -15.04
C ILE D 92 8.57 -7.82 -14.73
N GLY D 93 9.71 -8.46 -14.93
CA GLY D 93 9.81 -9.88 -14.64
C GLY D 93 9.75 -10.78 -15.87
N LYS D 94 9.97 -12.07 -15.67
CA LYS D 94 9.96 -13.04 -16.75
C LYS D 94 8.64 -13.04 -17.54
N THR D 95 8.71 -13.44 -18.81
CA THR D 95 7.55 -13.51 -19.68
C THR D 95 6.45 -14.31 -18.99
N ASP D 96 6.80 -15.50 -18.51
CA ASP D 96 5.84 -16.35 -17.83
C ASP D 96 5.63 -15.86 -16.39
N PRO D 97 4.46 -15.27 -16.10
CA PRO D 97 4.16 -14.77 -14.75
C PRO D 97 4.41 -15.79 -13.65
N LEU D 98 4.07 -17.04 -13.90
CA LEU D 98 4.28 -18.07 -12.89
C LEU D 98 5.76 -18.14 -12.52
N GLN D 99 6.63 -17.86 -13.49
CA GLN D 99 8.07 -17.91 -13.26
C GLN D 99 8.67 -16.55 -12.88
N ALA D 100 7.86 -15.51 -12.94
CA ALA D 100 8.34 -14.18 -12.59
C ALA D 100 8.57 -14.11 -11.08
N GLU D 101 9.69 -13.53 -10.68
CA GLU D 101 10.06 -13.40 -9.28
C GLU D 101 9.15 -12.44 -8.51
N PRO D 102 8.68 -12.87 -7.33
CA PRO D 102 7.81 -12.01 -6.52
C PRO D 102 8.51 -10.66 -6.37
N GLY D 103 7.75 -9.58 -6.48
CA GLY D 103 8.35 -8.26 -6.37
C GLY D 103 8.32 -7.55 -7.71
N THR D 104 8.25 -8.33 -8.78
CA THR D 104 8.18 -7.80 -10.14
C THR D 104 6.70 -7.65 -10.49
N ILE D 105 6.38 -6.81 -11.46
CA ILE D 105 5.00 -6.60 -11.84
C ILE D 105 4.27 -7.91 -12.20
N ARG D 106 4.89 -8.72 -13.05
CA ARG D 106 4.26 -9.97 -13.45
C ARG D 106 4.25 -11.02 -12.33
N GLY D 107 5.33 -11.11 -11.59
CA GLY D 107 5.39 -12.08 -10.51
C GLY D 107 4.44 -11.75 -9.38
N ASP D 108 4.13 -10.46 -9.21
CA ASP D 108 3.21 -10.02 -8.15
C ASP D 108 1.75 -10.00 -8.60
N LEU D 109 1.51 -9.55 -9.84
CA LEU D 109 0.15 -9.36 -10.33
C LEU D 109 -0.43 -10.18 -11.48
N ALA D 110 0.30 -11.19 -11.98
CA ALA D 110 -0.23 -12.00 -13.09
C ALA D 110 0.02 -13.50 -12.92
N VAL D 111 -0.70 -14.30 -13.70
CA VAL D 111 -0.58 -15.75 -13.62
C VAL D 111 -0.32 -16.46 -14.94
N GLN D 112 -0.67 -15.83 -16.07
CA GLN D 112 -0.46 -16.49 -17.35
C GLN D 112 0.30 -15.65 -18.37
N THR D 113 1.10 -16.35 -19.19
CA THR D 113 1.92 -15.72 -20.21
C THR D 113 1.15 -14.88 -21.23
N GLY D 114 0.06 -15.41 -21.77
CA GLY D 114 -0.73 -14.69 -22.75
C GLY D 114 -1.48 -13.51 -22.18
N ARG D 115 -1.32 -13.29 -20.88
CA ARG D 115 -1.95 -12.19 -20.18
C ARG D 115 -0.96 -11.68 -19.13
N ASN D 116 0.22 -11.27 -19.57
CA ASN D 116 1.22 -10.79 -18.63
C ASN D 116 1.24 -9.29 -18.36
N ILE D 117 0.06 -8.71 -18.37
CA ILE D 117 -0.15 -7.30 -18.04
C ILE D 117 0.60 -6.16 -18.75
N VAL D 118 1.91 -6.29 -18.86
CA VAL D 118 2.67 -5.19 -19.42
C VAL D 118 3.83 -5.54 -20.35
N HIS D 119 4.26 -4.54 -21.13
CA HIS D 119 5.39 -4.68 -22.04
C HIS D 119 6.46 -3.65 -21.78
N GLY D 120 7.71 -4.09 -21.83
CA GLY D 120 8.84 -3.22 -21.67
C GLY D 120 9.70 -3.47 -22.88
N SER D 121 10.30 -2.42 -23.45
CA SER D 121 11.16 -2.63 -24.60
C SER D 121 12.28 -3.57 -24.14
N ASP D 122 12.77 -4.43 -25.03
CA ASP D 122 13.84 -5.34 -24.65
C ASP D 122 15.22 -4.78 -24.94
N SER D 123 15.29 -3.55 -25.43
CA SER D 123 16.57 -2.92 -25.72
C SER D 123 16.36 -1.44 -26.03
N PRO D 124 17.42 -0.64 -25.86
CA PRO D 124 17.27 0.79 -26.15
C PRO D 124 16.94 1.00 -27.62
N GLU D 125 17.41 0.10 -28.48
CA GLU D 125 17.11 0.21 -29.90
C GLU D 125 15.60 0.08 -30.07
N ASN D 126 15.01 -0.95 -29.47
CA ASN D 126 13.57 -1.15 -29.56
C ASN D 126 12.81 -0.09 -28.77
N GLY D 127 13.46 0.47 -27.75
CA GLY D 127 12.83 1.51 -26.97
C GLY D 127 12.56 2.71 -27.85
N LYS D 128 13.51 3.04 -28.71
CA LYS D 128 13.37 4.17 -29.61
C LYS D 128 12.33 3.86 -30.67
N ARG D 129 12.46 2.69 -31.28
CA ARG D 129 11.54 2.27 -32.33
C ARG D 129 10.08 2.29 -31.85
N GLU D 130 9.83 1.69 -30.69
CA GLU D 130 8.49 1.61 -30.16
C GLU D 130 7.92 2.96 -29.74
N ILE D 131 8.73 3.78 -29.08
CA ILE D 131 8.24 5.09 -28.66
C ILE D 131 7.87 5.92 -29.89
N GLY D 132 8.54 5.65 -31.01
CA GLY D 132 8.26 6.39 -32.24
C GLY D 132 7.14 5.79 -33.06
N LEU D 133 6.76 4.57 -32.69
CA LEU D 133 5.71 3.86 -33.40
C LEU D 133 4.37 4.10 -32.75
N TRP D 134 4.35 4.09 -31.42
CA TRP D 134 3.12 4.28 -30.67
C TRP D 134 2.83 5.74 -30.36
N PHE D 135 3.86 6.58 -30.36
CA PHE D 135 3.65 7.98 -30.06
C PHE D 135 3.81 8.89 -31.25
N LYS D 136 2.94 9.89 -31.33
CA LYS D 136 2.99 10.86 -32.41
C LYS D 136 4.12 11.84 -32.10
N GLU D 137 4.44 12.68 -33.08
CA GLU D 137 5.51 13.65 -32.95
C GLU D 137 5.62 14.36 -31.59
N GLY D 138 4.78 15.37 -31.39
CA GLY D 138 4.83 16.15 -30.17
C GLY D 138 4.09 15.68 -28.94
N GLU D 139 3.84 14.37 -28.83
CA GLU D 139 3.13 13.83 -27.67
C GLU D 139 4.03 13.77 -26.44
N LEU D 140 5.31 13.48 -26.64
CA LEU D 140 6.24 13.38 -25.51
C LEU D 140 6.41 14.72 -24.81
N CYS D 141 6.47 14.69 -23.48
CA CYS D 141 6.62 15.91 -22.71
C CYS D 141 7.86 15.82 -21.86
N LYS D 142 8.87 16.59 -22.22
CA LYS D 142 10.12 16.60 -21.48
C LYS D 142 10.07 17.61 -20.35
N TRP D 143 10.67 17.26 -19.22
CA TRP D 143 10.69 18.18 -18.09
C TRP D 143 11.84 17.91 -17.15
N ASP D 144 12.30 18.97 -16.51
CA ASP D 144 13.39 18.87 -15.57
C ASP D 144 12.79 18.44 -14.24
N SER D 145 13.33 17.38 -13.65
CA SER D 145 12.82 16.89 -12.37
C SER D 145 13.33 17.79 -11.26
N ALA D 146 12.55 17.97 -10.21
CA ALA D 146 12.99 18.80 -9.09
C ALA D 146 13.94 17.97 -8.24
N LEU D 147 13.81 16.65 -8.34
CA LEU D 147 14.67 15.75 -7.58
C LEU D 147 15.93 15.31 -8.35
N ALA D 148 16.10 15.80 -9.58
CA ALA D 148 17.27 15.41 -10.37
C ALA D 148 18.56 15.26 -9.58
N THR D 149 18.79 16.18 -8.66
CA THR D 149 20.00 16.18 -7.85
C THR D 149 20.00 15.08 -6.81
N TRP D 150 18.84 14.50 -6.53
CA TRP D 150 18.75 13.43 -5.55
C TRP D 150 18.49 12.06 -6.15
N LEU D 151 18.25 12.01 -7.45
CA LEU D 151 18.04 10.76 -8.16
C LEU D 151 19.37 10.27 -8.74
N ARG D 152 20.14 11.20 -9.29
CA ARG D 152 21.45 10.89 -9.89
C ARG D 152 22.53 11.78 -9.31
N GLU D 153 23.74 11.25 -9.29
CA GLU D 153 24.91 11.96 -8.77
C GLU D 153 25.16 13.25 -9.54
N VAL E 5 22.21 -10.19 21.75
CA VAL E 5 21.48 -10.37 20.50
C VAL E 5 22.08 -9.47 19.41
N GLU E 6 22.19 -10.00 18.21
CA GLU E 6 22.78 -9.27 17.09
C GLU E 6 22.09 -7.95 16.77
N GLU E 7 22.89 -6.92 16.48
CA GLU E 7 22.41 -5.59 16.13
C GLU E 7 23.13 -5.12 14.86
N THR E 8 22.43 -4.39 14.01
CA THR E 8 23.05 -3.87 12.80
C THR E 8 22.72 -2.39 12.70
N TYR E 9 23.51 -1.67 11.93
CA TYR E 9 23.31 -0.24 11.75
C TYR E 9 22.75 -0.01 10.36
N ILE E 10 21.66 0.75 10.29
CA ILE E 10 21.02 1.05 9.02
C ILE E 10 20.80 2.55 8.96
N MET E 11 21.12 3.16 7.83
CA MET E 11 20.99 4.61 7.71
C MET E 11 20.37 5.05 6.39
N VAL E 12 19.45 6.00 6.48
CA VAL E 12 18.81 6.55 5.29
C VAL E 12 19.69 7.75 4.95
N LYS E 13 20.18 7.80 3.71
CA LYS E 13 21.04 8.89 3.30
C LYS E 13 20.24 10.14 2.92
N PRO E 14 20.92 11.27 2.72
CA PRO E 14 20.28 12.53 2.36
C PRO E 14 19.23 12.44 1.24
N ASP E 15 19.50 11.65 0.20
CA ASP E 15 18.55 11.49 -0.91
C ASP E 15 17.30 10.72 -0.46
N GLY E 16 17.48 9.81 0.49
CA GLY E 16 16.34 9.06 1.00
C GLY E 16 15.40 10.02 1.72
N ILE E 17 15.98 10.99 2.45
CA ILE E 17 15.18 11.98 3.17
C ILE E 17 14.48 12.90 2.16
N GLN E 18 15.27 13.54 1.32
CA GLN E 18 14.73 14.44 0.30
C GLN E 18 13.54 13.81 -0.44
N ARG E 19 13.76 12.58 -0.90
CA ARG E 19 12.73 11.84 -1.62
C ARG E 19 11.64 11.34 -0.68
N GLY E 20 11.81 11.61 0.61
CA GLY E 20 10.82 11.20 1.60
C GLY E 20 10.58 9.71 1.71
N LEU E 21 11.65 8.94 1.89
CA LEU E 21 11.52 7.50 2.00
C LEU E 21 11.80 7.00 3.41
N VAL E 22 11.92 7.93 4.37
CA VAL E 22 12.22 7.56 5.76
C VAL E 22 11.20 6.57 6.33
N GLY E 23 9.92 6.96 6.32
CA GLY E 23 8.87 6.09 6.85
C GLY E 23 8.81 4.74 6.15
N GLU E 24 8.99 4.79 4.84
CA GLU E 24 8.95 3.62 3.99
C GLU E 24 9.97 2.56 4.42
N ILE E 25 11.24 2.95 4.41
CA ILE E 25 12.33 2.06 4.77
C ILE E 25 12.10 1.50 6.18
N ILE E 26 11.79 2.38 7.14
CA ILE E 26 11.54 1.93 8.51
C ILE E 26 10.44 0.87 8.49
N SER E 27 9.30 1.19 7.90
CA SER E 27 8.19 0.26 7.86
C SER E 27 8.62 -1.11 7.38
N ARG E 28 9.49 -1.14 6.37
CA ARG E 28 9.96 -2.40 5.81
C ARG E 28 10.69 -3.26 6.83
N PHE E 29 11.48 -2.64 7.69
CA PHE E 29 12.19 -3.42 8.69
C PHE E 29 11.26 -3.77 9.84
N GLU E 30 10.27 -2.93 10.10
CA GLU E 30 9.33 -3.23 11.15
C GLU E 30 8.56 -4.48 10.71
N LYS E 31 7.94 -4.42 9.53
CA LYS E 31 7.18 -5.54 8.99
C LYS E 31 7.96 -6.85 8.95
N LYS E 32 9.22 -6.77 8.54
CA LYS E 32 10.08 -7.95 8.49
C LYS E 32 10.10 -8.64 9.84
N GLY E 33 10.07 -7.85 10.91
CA GLY E 33 10.07 -8.42 12.25
C GLY E 33 11.26 -8.09 13.12
N PHE E 34 12.03 -7.09 12.75
CA PHE E 34 13.17 -6.73 13.56
C PHE E 34 12.80 -5.62 14.51
N LYS E 35 13.45 -5.60 15.66
CA LYS E 35 13.20 -4.60 16.70
C LYS E 35 14.07 -3.35 16.56
N LEU E 36 13.44 -2.18 16.49
CA LEU E 36 14.16 -0.92 16.38
C LEU E 36 14.57 -0.45 17.78
N ILE E 37 15.88 -0.35 17.99
CA ILE E 37 16.42 0.06 19.29
C ILE E 37 17.16 1.40 19.22
N GLY E 38 17.24 1.96 18.02
CA GLY E 38 17.91 3.23 17.83
C GLY E 38 17.40 3.96 16.61
N LEU E 39 17.10 5.24 16.76
CA LEU E 39 16.59 6.03 15.66
C LEU E 39 16.89 7.51 15.90
N LYS E 40 17.23 8.24 14.83
CA LYS E 40 17.49 9.67 14.98
C LYS E 40 17.90 10.40 13.72
N MET E 41 17.23 11.52 13.44
CA MET E 41 17.60 12.33 12.29
C MET E 41 18.87 13.02 12.78
N PHE E 42 19.89 13.03 11.95
CA PHE E 42 21.16 13.57 12.36
C PHE E 42 21.91 14.19 11.19
N GLN E 43 22.49 15.36 11.40
CA GLN E 43 23.27 16.02 10.36
C GLN E 43 24.70 15.59 10.68
N CYS E 44 25.25 14.74 9.82
CA CYS E 44 26.58 14.18 10.01
C CYS E 44 27.73 15.14 9.70
N PRO E 45 28.61 15.37 10.68
CA PRO E 45 29.75 16.27 10.45
C PRO E 45 30.80 15.56 9.61
N LYS E 46 31.51 16.33 8.77
CA LYS E 46 32.55 15.80 7.89
C LYS E 46 33.43 14.71 8.50
N GLU E 47 34.13 15.03 9.56
CA GLU E 47 35.04 14.08 10.20
C GLU E 47 34.40 12.74 10.55
N LEU E 48 33.21 12.78 11.13
CA LEU E 48 32.53 11.53 11.51
C LEU E 48 32.17 10.72 10.28
N ALA E 49 31.78 11.41 9.21
CA ALA E 49 31.45 10.72 7.97
C ALA E 49 32.72 10.01 7.49
N GLU E 50 33.82 10.74 7.52
CA GLU E 50 35.12 10.22 7.10
C GLU E 50 35.51 9.01 7.94
N GLU E 51 35.20 9.09 9.22
CA GLU E 51 35.50 7.99 10.13
C GLU E 51 34.68 6.79 9.69
N HIS E 52 33.40 7.03 9.40
CA HIS E 52 32.51 5.96 8.96
C HIS E 52 33.04 5.25 7.73
N TYR E 53 33.52 6.02 6.75
CA TYR E 53 34.07 5.48 5.52
C TYR E 53 35.58 5.34 5.58
N LYS E 54 36.09 5.08 6.78
CA LYS E 54 37.50 4.90 7.06
C LYS E 54 38.28 4.23 5.92
N ASP E 55 37.94 2.99 5.62
CA ASP E 55 38.61 2.20 4.59
C ASP E 55 38.55 2.70 3.15
N LEU E 56 37.69 3.66 2.85
CA LEU E 56 37.59 4.16 1.48
C LEU E 56 38.29 5.52 1.37
N SER E 57 39.09 5.86 2.38
CA SER E 57 39.79 7.13 2.39
C SER E 57 40.81 7.30 1.27
N ALA E 58 41.32 6.20 0.75
CA ALA E 58 42.32 6.26 -0.33
C ALA E 58 41.65 6.21 -1.70
N LYS E 59 40.34 5.94 -1.71
CA LYS E 59 39.61 5.87 -2.97
C LYS E 59 39.48 7.24 -3.63
N SER E 60 39.08 7.23 -4.90
CA SER E 60 38.93 8.44 -5.71
C SER E 60 37.65 9.21 -5.44
N PHE E 61 36.58 8.48 -5.14
CA PHE E 61 35.28 9.08 -4.89
C PHE E 61 35.12 9.60 -3.46
N PHE E 62 36.00 9.15 -2.56
CA PHE E 62 35.94 9.53 -1.15
C PHE E 62 35.38 10.91 -0.90
N PRO E 63 36.03 11.96 -1.42
CA PRO E 63 35.50 13.31 -1.19
C PRO E 63 34.03 13.48 -1.58
N ASN E 64 33.66 13.01 -2.77
CA ASN E 64 32.27 13.11 -3.23
C ASN E 64 31.32 12.43 -2.25
N LEU E 65 31.74 11.26 -1.76
CA LEU E 65 30.97 10.48 -0.80
C LEU E 65 30.76 11.31 0.47
N ILE E 66 31.85 11.90 0.96
CA ILE E 66 31.81 12.72 2.16
C ILE E 66 30.84 13.89 1.99
N GLU E 67 30.82 14.49 0.80
CA GLU E 67 29.91 15.60 0.55
C GLU E 67 28.48 15.06 0.54
N TYR E 68 28.27 14.00 -0.22
CA TYR E 68 26.96 13.38 -0.37
C TYR E 68 26.21 13.04 0.93
N ILE E 69 26.88 12.41 1.89
CA ILE E 69 26.22 12.07 3.14
C ILE E 69 26.12 13.26 4.10
N THR E 70 26.76 14.36 3.77
CA THR E 70 26.67 15.54 4.62
C THR E 70 25.88 16.64 3.92
N SER E 71 25.44 16.36 2.69
CA SER E 71 24.67 17.30 1.88
C SER E 71 23.24 17.45 2.38
N GLY E 72 22.91 16.76 3.46
CA GLY E 72 21.57 16.85 4.01
C GLY E 72 21.52 15.96 5.23
N PRO E 73 20.46 16.03 6.04
CA PRO E 73 20.37 15.18 7.23
C PRO E 73 20.24 13.71 6.87
N VAL E 74 20.52 12.85 7.82
CA VAL E 74 20.39 11.41 7.61
C VAL E 74 19.53 10.90 8.74
N VAL E 75 19.16 9.64 8.68
CA VAL E 75 18.37 9.06 9.73
C VAL E 75 19.06 7.78 10.15
N CYS E 76 19.71 7.86 11.30
CA CYS E 76 20.45 6.75 11.88
C CYS E 76 19.47 5.76 12.48
N MET E 77 19.83 4.49 12.43
CA MET E 77 18.99 3.44 12.99
C MET E 77 19.79 2.28 13.52
N ALA E 78 19.27 1.69 14.59
CA ALA E 78 19.90 0.53 15.21
C ALA E 78 18.80 -0.53 15.26
N TRP E 79 18.97 -1.60 14.49
CA TRP E 79 17.99 -2.67 14.47
C TRP E 79 18.58 -3.91 15.11
N GLU E 80 17.75 -4.63 15.84
CA GLU E 80 18.17 -5.83 16.52
C GLU E 80 17.35 -7.06 16.10
N GLY E 81 17.97 -8.21 16.22
CA GLY E 81 17.32 -9.46 15.85
C GLY E 81 18.36 -10.46 15.39
N VAL E 82 18.01 -11.74 15.49
CA VAL E 82 18.92 -12.81 15.06
C VAL E 82 19.17 -12.75 13.57
N GLY E 83 20.44 -12.68 13.18
CA GLY E 83 20.79 -12.63 11.79
C GLY E 83 20.33 -11.38 11.05
N VAL E 84 19.96 -10.35 11.79
CA VAL E 84 19.49 -9.09 11.18
C VAL E 84 20.51 -8.46 10.26
N VAL E 85 21.80 -8.62 10.57
CA VAL E 85 22.85 -8.05 9.75
C VAL E 85 22.77 -8.46 8.27
N ALA E 86 22.75 -9.76 8.01
CA ALA E 86 22.68 -10.25 6.62
C ALA E 86 21.32 -10.01 6.01
N SER E 87 20.28 -10.23 6.81
CA SER E 87 18.91 -10.03 6.35
C SER E 87 18.72 -8.58 5.92
N ALA E 88 19.24 -7.65 6.70
CA ALA E 88 19.12 -6.22 6.38
C ALA E 88 19.78 -5.92 5.04
N ARG E 89 20.93 -6.54 4.79
CA ARG E 89 21.65 -6.32 3.54
C ARG E 89 20.83 -6.84 2.37
N LYS E 90 20.21 -8.00 2.56
CA LYS E 90 19.39 -8.61 1.53
C LYS E 90 18.16 -7.76 1.18
N LEU E 91 17.57 -7.11 2.20
CA LEU E 91 16.40 -6.26 2.01
C LEU E 91 16.75 -4.95 1.34
N ILE E 92 17.98 -4.50 1.53
CA ILE E 92 18.45 -3.24 0.93
C ILE E 92 18.74 -3.43 -0.56
N GLY E 93 19.24 -4.59 -0.93
CA GLY E 93 19.55 -4.87 -2.34
C GLY E 93 20.98 -4.60 -2.73
N LYS E 94 21.30 -4.89 -3.99
CA LYS E 94 22.64 -4.69 -4.53
C LYS E 94 23.04 -3.22 -4.39
N THR E 95 24.34 -2.96 -4.37
CA THR E 95 24.87 -1.62 -4.22
C THR E 95 24.37 -0.71 -5.36
N ASP E 96 24.17 -1.30 -6.54
CA ASP E 96 23.68 -0.55 -7.69
C ASP E 96 22.17 -0.83 -7.83
N PRO E 97 21.33 0.16 -7.53
CA PRO E 97 19.88 0.05 -7.60
C PRO E 97 19.35 -0.58 -8.90
N LEU E 98 20.02 -0.28 -10.00
CA LEU E 98 19.59 -0.84 -11.28
C LEU E 98 19.74 -2.36 -11.25
N GLN E 99 20.78 -2.83 -10.55
CA GLN E 99 21.09 -4.25 -10.42
C GLN E 99 20.32 -4.95 -9.32
N ALA E 100 20.03 -4.23 -8.24
CA ALA E 100 19.30 -4.83 -7.12
C ALA E 100 17.94 -5.34 -7.61
N GLU E 101 17.52 -6.50 -7.11
CA GLU E 101 16.25 -7.12 -7.50
C GLU E 101 15.00 -6.42 -6.94
N PRO E 102 13.90 -6.43 -7.72
CA PRO E 102 12.65 -5.81 -7.29
C PRO E 102 12.19 -6.52 -6.03
N GLY E 103 11.81 -5.74 -5.01
CA GLY E 103 11.39 -6.33 -3.77
C GLY E 103 12.34 -5.85 -2.69
N THR E 104 13.52 -5.42 -3.09
CA THR E 104 14.49 -4.90 -2.15
C THR E 104 14.29 -3.39 -2.11
N ILE E 105 15.00 -2.70 -1.21
CA ILE E 105 14.84 -1.25 -1.12
C ILE E 105 15.37 -0.52 -2.37
N ARG E 106 16.64 -0.74 -2.69
CA ARG E 106 17.22 -0.12 -3.86
C ARG E 106 16.59 -0.64 -5.16
N GLY E 107 16.17 -1.91 -5.16
CA GLY E 107 15.55 -2.46 -6.34
C GLY E 107 14.21 -1.80 -6.69
N ASP E 108 13.50 -1.32 -5.67
CA ASP E 108 12.21 -0.66 -5.90
C ASP E 108 12.26 0.85 -5.89
N LEU E 109 13.09 1.40 -5.00
CA LEU E 109 13.15 2.84 -4.79
C LEU E 109 14.34 3.70 -5.23
N ALA E 110 15.34 3.11 -5.88
CA ALA E 110 16.49 3.91 -6.32
C ALA E 110 16.85 3.61 -7.77
N VAL E 111 17.67 4.47 -8.38
CA VAL E 111 18.06 4.28 -9.75
C VAL E 111 19.56 4.40 -10.04
N GLN E 112 20.36 4.75 -9.02
CA GLN E 112 21.79 4.89 -9.24
C GLN E 112 22.61 4.64 -7.98
N THR E 113 23.83 4.15 -8.17
CA THR E 113 24.72 3.84 -7.05
C THR E 113 25.08 5.08 -6.22
N GLY E 114 25.38 6.18 -6.87
CA GLY E 114 25.74 7.39 -6.15
C GLY E 114 24.62 8.00 -5.32
N ARG E 115 23.42 7.45 -5.49
CA ARG E 115 22.25 7.92 -4.75
C ARG E 115 21.39 6.68 -4.49
N ASN E 116 21.93 5.71 -3.74
CA ASN E 116 21.18 4.49 -3.45
C ASN E 116 20.45 4.48 -2.11
N ILE E 117 19.93 5.66 -1.79
CA ILE E 117 19.10 5.94 -0.62
C ILE E 117 19.31 5.34 0.78
N VAL E 118 19.93 4.16 0.89
CA VAL E 118 20.12 3.55 2.20
C VAL E 118 21.44 2.79 2.42
N HIS E 119 21.78 2.57 3.69
CA HIS E 119 22.98 1.86 4.11
C HIS E 119 22.71 0.80 5.19
N GLY E 120 23.48 -0.28 5.14
CA GLY E 120 23.35 -1.34 6.12
C GLY E 120 24.72 -1.93 6.39
N SER E 121 25.00 -2.26 7.64
CA SER E 121 26.30 -2.85 7.97
C SER E 121 26.47 -4.11 7.11
N ASP E 122 27.70 -4.37 6.68
CA ASP E 122 27.96 -5.55 5.85
C ASP E 122 28.54 -6.70 6.66
N SER E 123 28.71 -6.47 7.95
CA SER E 123 29.25 -7.49 8.85
C SER E 123 28.86 -7.20 10.28
N PRO E 124 28.69 -8.25 11.10
CA PRO E 124 28.31 -8.04 12.50
C PRO E 124 29.32 -7.17 13.24
N GLU E 125 30.58 -7.22 12.79
CA GLU E 125 31.64 -6.43 13.39
C GLU E 125 31.41 -4.95 13.09
N ASN E 126 31.14 -4.65 11.82
CA ASN E 126 30.88 -3.26 11.45
C ASN E 126 29.56 -2.79 12.04
N GLY E 127 28.69 -3.75 12.34
CA GLY E 127 27.41 -3.40 12.93
C GLY E 127 27.65 -2.74 14.28
N LYS E 128 28.50 -3.36 15.10
CA LYS E 128 28.81 -2.82 16.42
C LYS E 128 29.63 -1.55 16.27
N ARG E 129 30.54 -1.56 15.32
CA ARG E 129 31.40 -0.40 15.09
C ARG E 129 30.57 0.83 14.71
N GLU E 130 29.78 0.68 13.65
CA GLU E 130 28.97 1.77 13.13
C GLU E 130 27.93 2.26 14.14
N ILE E 131 27.38 1.36 14.92
CA ILE E 131 26.40 1.75 15.92
C ILE E 131 27.14 2.48 17.03
N GLY E 132 28.32 1.99 17.38
CA GLY E 132 29.08 2.64 18.41
C GLY E 132 29.62 3.98 17.96
N LEU E 133 29.61 4.19 16.64
CA LEU E 133 30.11 5.42 16.04
C LEU E 133 29.07 6.50 15.83
N TRP E 134 27.87 6.09 15.40
CA TRP E 134 26.80 7.05 15.13
C TRP E 134 25.89 7.34 16.31
N PHE E 135 25.86 6.45 17.31
CA PHE E 135 25.02 6.67 18.48
C PHE E 135 25.84 6.97 19.73
N LYS E 136 25.34 7.91 20.55
CA LYS E 136 26.03 8.29 21.77
C LYS E 136 25.56 7.45 22.95
N GLU E 137 26.32 7.52 24.04
CA GLU E 137 26.00 6.79 25.26
C GLU E 137 24.56 7.02 25.71
N GLY E 138 23.72 6.01 25.55
CA GLY E 138 22.35 6.13 26.00
C GLY E 138 21.29 6.47 24.97
N GLU E 139 21.70 6.74 23.73
CA GLU E 139 20.72 7.07 22.71
C GLU E 139 19.96 5.84 22.24
N LEU E 140 20.46 4.66 22.58
CA LEU E 140 19.79 3.43 22.19
C LEU E 140 18.72 3.15 23.23
N CYS E 141 17.67 2.44 22.83
CA CYS E 141 16.58 2.13 23.75
C CYS E 141 16.21 0.66 23.69
N LYS E 142 16.23 0.00 24.85
CA LYS E 142 15.87 -1.41 24.91
C LYS E 142 14.41 -1.54 25.33
N TRP E 143 13.77 -2.60 24.87
CA TRP E 143 12.38 -2.86 25.20
C TRP E 143 12.01 -4.29 24.82
N ASP E 144 10.98 -4.83 25.46
CA ASP E 144 10.55 -6.20 25.16
C ASP E 144 9.37 -6.19 24.19
N SER E 145 9.55 -6.83 23.04
CA SER E 145 8.49 -6.90 22.06
C SER E 145 7.36 -7.79 22.56
N ALA E 146 6.13 -7.30 22.48
CA ALA E 146 5.00 -8.11 22.92
C ALA E 146 4.81 -9.33 21.99
N LEU E 147 5.32 -9.22 20.76
CA LEU E 147 5.18 -10.30 19.77
C LEU E 147 6.40 -11.21 19.71
N ALA E 148 7.32 -11.05 20.66
CA ALA E 148 8.54 -11.82 20.70
C ALA E 148 8.37 -13.32 20.44
N THR E 149 7.42 -13.96 21.12
CA THR E 149 7.19 -15.39 20.93
C THR E 149 6.57 -15.76 19.59
N TRP E 150 5.95 -14.79 18.94
CA TRP E 150 5.34 -15.05 17.65
C TRP E 150 6.28 -14.70 16.52
N LEU E 151 7.50 -14.32 16.88
CA LEU E 151 8.53 -13.98 15.89
C LEU E 151 9.65 -14.99 15.95
N ARG E 152 9.79 -15.65 17.08
CA ARG E 152 10.84 -16.65 17.27
C ARG E 152 10.38 -17.77 18.18
N GLU E 153 10.87 -18.98 17.95
CA GLU E 153 10.49 -20.13 18.76
C GLU E 153 10.94 -19.90 20.19
N SER F 1 2.36 -28.24 -24.20
CA SER F 1 1.25 -28.86 -23.49
C SER F 1 0.65 -27.92 -22.43
N MET F 2 -0.68 -27.87 -22.38
CA MET F 2 -1.41 -27.02 -21.45
C MET F 2 -1.65 -27.72 -20.11
N GLU F 3 -1.49 -26.98 -19.02
CA GLU F 3 -1.69 -27.51 -17.68
C GLU F 3 -3.11 -27.31 -17.16
N ASP F 4 -3.59 -28.28 -16.41
CA ASP F 4 -4.94 -28.22 -15.86
C ASP F 4 -5.08 -27.26 -14.70
N VAL F 5 -6.33 -26.92 -14.39
CA VAL F 5 -6.62 -26.06 -13.26
C VAL F 5 -6.09 -26.84 -12.07
N GLU F 6 -5.55 -26.13 -11.10
CA GLU F 6 -4.92 -26.78 -9.94
C GLU F 6 -5.49 -26.20 -8.65
N GLU F 7 -5.31 -26.90 -7.54
CA GLU F 7 -5.77 -26.41 -6.24
C GLU F 7 -4.63 -26.57 -5.25
N THR F 8 -4.54 -25.67 -4.29
CA THR F 8 -3.51 -25.73 -3.27
C THR F 8 -4.06 -25.24 -1.95
N TYR F 9 -3.52 -25.81 -0.87
CA TYR F 9 -3.93 -25.46 0.47
C TYR F 9 -2.91 -24.50 1.07
N ILE F 10 -3.29 -23.24 1.23
CA ILE F 10 -2.39 -22.27 1.82
C ILE F 10 -2.94 -22.01 3.21
N MET F 11 -2.07 -22.06 4.21
CA MET F 11 -2.50 -21.84 5.58
C MET F 11 -1.71 -20.78 6.34
N VAL F 12 -2.46 -19.88 6.96
CA VAL F 12 -1.85 -18.83 7.77
C VAL F 12 -1.67 -19.46 9.14
N LYS F 13 -0.41 -19.68 9.51
CA LYS F 13 -0.08 -20.29 10.78
C LYS F 13 -0.39 -19.33 11.95
N PRO F 14 -0.57 -19.88 13.16
CA PRO F 14 -0.89 -19.13 14.38
C PRO F 14 -0.28 -17.74 14.48
N ASP F 15 1.03 -17.64 14.26
CA ASP F 15 1.74 -16.37 14.31
C ASP F 15 1.19 -15.36 13.30
N GLY F 16 0.81 -15.84 12.12
CA GLY F 16 0.27 -14.96 11.10
C GLY F 16 -0.94 -14.21 11.65
N ILE F 17 -1.75 -14.91 12.44
CA ILE F 17 -2.93 -14.31 13.03
C ILE F 17 -2.51 -13.31 14.11
N GLN F 18 -1.71 -13.77 15.07
CA GLN F 18 -1.25 -12.92 16.16
C GLN F 18 -0.70 -11.58 15.67
N ARG F 19 -0.03 -11.59 14.52
CA ARG F 19 0.56 -10.37 13.96
C ARG F 19 -0.37 -9.63 13.01
N GLY F 20 -1.64 -10.04 12.97
CA GLY F 20 -2.60 -9.38 12.11
C GLY F 20 -2.17 -9.35 10.65
N LEU F 21 -1.85 -10.52 10.12
CA LEU F 21 -1.40 -10.62 8.74
C LEU F 21 -2.32 -11.45 7.84
N VAL F 22 -3.48 -11.86 8.36
CA VAL F 22 -4.41 -12.65 7.57
C VAL F 22 -4.81 -11.93 6.28
N GLY F 23 -5.13 -10.65 6.42
CA GLY F 23 -5.55 -9.85 5.28
C GLY F 23 -4.53 -9.69 4.18
N GLU F 24 -3.32 -9.27 4.54
CA GLU F 24 -2.29 -9.07 3.54
C GLU F 24 -1.93 -10.34 2.79
N ILE F 25 -1.90 -11.47 3.47
CA ILE F 25 -1.57 -12.73 2.82
C ILE F 25 -2.66 -13.11 1.83
N ILE F 26 -3.91 -12.96 2.22
CA ILE F 26 -5.00 -13.25 1.30
C ILE F 26 -4.84 -12.29 0.12
N SER F 27 -4.53 -11.02 0.41
CA SER F 27 -4.35 -10.04 -0.67
C SER F 27 -3.28 -10.43 -1.68
N ARG F 28 -2.11 -10.86 -1.21
CA ARG F 28 -1.04 -11.23 -2.13
C ARG F 28 -1.47 -12.24 -3.17
N PHE F 29 -2.34 -13.16 -2.76
CA PHE F 29 -2.84 -14.17 -3.67
C PHE F 29 -4.00 -13.65 -4.52
N GLU F 30 -4.80 -12.75 -3.95
CA GLU F 30 -5.90 -12.16 -4.72
C GLU F 30 -5.27 -11.29 -5.79
N LYS F 31 -4.22 -10.57 -5.40
CA LYS F 31 -3.51 -9.68 -6.32
C LYS F 31 -2.82 -10.46 -7.45
N LYS F 32 -2.21 -11.58 -7.10
CA LYS F 32 -1.51 -12.40 -8.08
C LYS F 32 -2.48 -12.78 -9.18
N GLY F 33 -3.73 -13.05 -8.81
CA GLY F 33 -4.71 -13.40 -9.81
C GLY F 33 -5.33 -14.78 -9.65
N PHE F 34 -5.12 -15.40 -8.50
CA PHE F 34 -5.69 -16.71 -8.28
C PHE F 34 -7.07 -16.58 -7.65
N LYS F 35 -7.82 -17.68 -7.66
CA LYS F 35 -9.18 -17.67 -7.13
C LYS F 35 -9.32 -18.37 -5.78
N LEU F 36 -9.88 -17.64 -4.81
CA LEU F 36 -10.09 -18.19 -3.49
C LEU F 36 -11.38 -18.98 -3.48
N ILE F 37 -11.28 -20.28 -3.24
CA ILE F 37 -12.47 -21.12 -3.19
C ILE F 37 -12.63 -21.73 -1.79
N GLY F 38 -11.71 -21.41 -0.90
CA GLY F 38 -11.77 -21.93 0.46
C GLY F 38 -11.14 -21.01 1.49
N LEU F 39 -11.88 -20.69 2.54
CA LEU F 39 -11.37 -19.81 3.58
C LEU F 39 -12.10 -19.98 4.91
N LYS F 40 -11.35 -20.02 6.00
CA LYS F 40 -11.97 -20.15 7.33
C LYS F 40 -10.96 -20.05 8.49
N MET F 41 -11.36 -19.36 9.56
CA MET F 41 -10.50 -19.29 10.73
C MET F 41 -10.84 -20.62 11.40
N PHE F 42 -9.83 -21.42 11.67
CA PHE F 42 -10.09 -22.74 12.20
C PHE F 42 -9.24 -23.12 13.39
N GLN F 43 -9.81 -23.88 14.31
CA GLN F 43 -9.05 -24.34 15.47
C GLN F 43 -8.74 -25.79 15.17
N CYS F 44 -7.53 -26.02 14.67
CA CYS F 44 -7.11 -27.35 14.27
C CYS F 44 -7.10 -28.38 15.38
N PRO F 45 -7.95 -29.41 15.25
CA PRO F 45 -8.03 -30.49 16.24
C PRO F 45 -6.80 -31.37 16.10
N LYS F 46 -6.30 -31.85 17.25
CA LYS F 46 -5.09 -32.67 17.29
C LYS F 46 -5.01 -33.81 16.28
N GLU F 47 -6.12 -34.49 16.04
CA GLU F 47 -6.13 -35.59 15.09
C GLU F 47 -5.84 -35.07 13.69
N LEU F 48 -6.51 -33.98 13.32
CA LEU F 48 -6.34 -33.38 12.00
C LEU F 48 -4.90 -32.92 11.79
N ALA F 49 -4.35 -32.25 12.80
CA ALA F 49 -2.96 -31.78 12.71
C ALA F 49 -2.02 -32.97 12.50
N GLU F 50 -2.34 -34.10 13.12
CA GLU F 50 -1.51 -35.29 12.99
C GLU F 50 -1.47 -35.78 11.55
N GLU F 51 -2.63 -35.81 10.89
CA GLU F 51 -2.68 -36.24 9.50
C GLU F 51 -1.92 -35.29 8.59
N HIS F 52 -2.03 -34.00 8.88
CA HIS F 52 -1.37 -32.96 8.11
C HIS F 52 0.15 -33.15 8.05
N TYR F 53 0.75 -33.42 9.20
CA TYR F 53 2.21 -33.61 9.29
C TYR F 53 2.60 -35.09 9.34
N LYS F 54 1.78 -35.97 8.78
CA LYS F 54 2.09 -37.38 8.83
C LYS F 54 3.45 -37.78 8.25
N ASP F 55 3.92 -37.06 7.23
CA ASP F 55 5.21 -37.36 6.61
C ASP F 55 6.39 -37.04 7.50
N LEU F 56 6.15 -36.31 8.58
CA LEU F 56 7.21 -35.92 9.52
C LEU F 56 7.04 -36.65 10.84
N SER F 57 6.01 -37.49 10.94
CA SER F 57 5.75 -38.21 12.18
C SER F 57 6.97 -38.94 12.76
N ALA F 58 7.94 -39.26 11.91
CA ALA F 58 9.14 -39.94 12.37
C ALA F 58 10.17 -38.96 12.91
N LYS F 59 9.97 -37.67 12.63
CA LYS F 59 10.90 -36.63 13.09
C LYS F 59 10.77 -36.39 14.59
N SER F 60 11.91 -36.11 15.23
CA SER F 60 11.94 -35.87 16.67
C SER F 60 11.18 -34.60 17.05
N PHE F 61 11.06 -33.67 16.11
CA PHE F 61 10.35 -32.43 16.39
C PHE F 61 8.87 -32.52 16.03
N PHE F 62 8.45 -33.69 15.57
CA PHE F 62 7.05 -33.89 15.19
C PHE F 62 6.10 -33.38 16.27
N PRO F 63 6.42 -33.62 17.55
CA PRO F 63 5.57 -33.15 18.65
C PRO F 63 5.36 -31.64 18.64
N ASN F 64 6.41 -30.90 18.33
CA ASN F 64 6.38 -29.44 18.29
C ASN F 64 5.43 -28.96 17.21
N LEU F 65 5.53 -29.57 16.04
CA LEU F 65 4.68 -29.20 14.93
C LEU F 65 3.22 -29.37 15.29
N ILE F 66 2.88 -30.51 15.90
CA ILE F 66 1.50 -30.79 16.29
C ILE F 66 1.09 -29.82 17.40
N GLU F 67 1.92 -29.73 18.42
CA GLU F 67 1.68 -28.86 19.56
C GLU F 67 1.50 -27.43 19.08
N TYR F 68 2.46 -26.95 18.30
CA TYR F 68 2.42 -25.59 17.82
C TYR F 68 1.23 -25.26 16.93
N ILE F 69 0.96 -26.12 15.97
CA ILE F 69 -0.15 -25.87 15.06
C ILE F 69 -1.49 -25.97 15.77
N THR F 70 -1.48 -26.44 17.00
CA THR F 70 -2.70 -26.57 17.78
C THR F 70 -2.74 -25.54 18.92
N SER F 71 -1.63 -24.83 19.11
CA SER F 71 -1.52 -23.83 20.16
C SER F 71 -2.49 -22.65 20.01
N GLY F 72 -2.97 -22.42 18.79
CA GLY F 72 -3.89 -21.32 18.58
C GLY F 72 -4.57 -21.39 17.23
N PRO F 73 -5.47 -20.44 16.93
CA PRO F 73 -6.22 -20.40 15.66
C PRO F 73 -5.33 -20.31 14.42
N VAL F 74 -5.87 -20.75 13.29
CA VAL F 74 -5.16 -20.69 12.01
C VAL F 74 -6.21 -20.34 10.98
N VAL F 75 -5.77 -19.94 9.79
CA VAL F 75 -6.72 -19.61 8.74
C VAL F 75 -6.50 -20.60 7.61
N CYS F 76 -7.54 -21.33 7.27
CA CYS F 76 -7.45 -22.31 6.20
C CYS F 76 -7.85 -21.66 4.91
N MET F 77 -7.07 -21.90 3.87
CA MET F 77 -7.37 -21.35 2.56
C MET F 77 -7.18 -22.41 1.51
N ALA F 78 -8.01 -22.33 0.48
CA ALA F 78 -7.94 -23.23 -0.66
C ALA F 78 -7.93 -22.33 -1.89
N TRP F 79 -6.82 -22.33 -2.63
CA TRP F 79 -6.71 -21.51 -3.83
C TRP F 79 -6.68 -22.33 -5.10
N GLU F 80 -7.18 -21.74 -6.19
CA GLU F 80 -7.25 -22.43 -7.46
C GLU F 80 -6.61 -21.65 -8.61
N GLY F 81 -6.06 -22.39 -9.56
CA GLY F 81 -5.44 -21.77 -10.71
C GLY F 81 -4.44 -22.68 -11.39
N VAL F 82 -4.21 -22.48 -12.68
CA VAL F 82 -3.24 -23.31 -13.38
C VAL F 82 -1.90 -22.97 -12.75
N GLY F 83 -1.21 -24.00 -12.27
CA GLY F 83 0.08 -23.77 -11.65
C GLY F 83 0.06 -23.06 -10.32
N VAL F 84 -1.10 -22.97 -9.67
CA VAL F 84 -1.19 -22.29 -8.38
C VAL F 84 -0.27 -22.86 -7.29
N VAL F 85 -0.05 -24.18 -7.29
CA VAL F 85 0.81 -24.80 -6.29
C VAL F 85 2.25 -24.29 -6.36
N ALA F 86 2.93 -24.58 -7.46
CA ALA F 86 4.32 -24.14 -7.59
C ALA F 86 4.47 -22.62 -7.42
N SER F 87 3.42 -21.88 -7.76
CA SER F 87 3.44 -20.42 -7.66
C SER F 87 3.32 -19.97 -6.21
N ALA F 88 2.42 -20.61 -5.46
CA ALA F 88 2.21 -20.28 -4.05
C ALA F 88 3.51 -20.46 -3.26
N ARG F 89 4.26 -21.50 -3.57
CA ARG F 89 5.51 -21.74 -2.87
C ARG F 89 6.49 -20.63 -3.21
N LYS F 90 6.32 -20.07 -4.40
CA LYS F 90 7.20 -19.03 -4.90
C LYS F 90 6.93 -17.68 -4.25
N LEU F 91 5.66 -17.38 -4.02
CA LEU F 91 5.28 -16.11 -3.38
C LEU F 91 5.58 -16.20 -1.91
N ILE F 92 5.59 -17.43 -1.41
CA ILE F 92 5.84 -17.68 0.01
C ILE F 92 7.32 -17.61 0.39
N GLY F 93 8.19 -18.10 -0.48
CA GLY F 93 9.60 -18.04 -0.16
C GLY F 93 10.20 -19.19 0.63
N LYS F 94 11.52 -19.26 0.61
CA LYS F 94 12.28 -20.30 1.30
C LYS F 94 11.86 -20.46 2.75
N THR F 95 11.91 -21.70 3.23
CA THR F 95 11.54 -22.03 4.61
C THR F 95 12.12 -21.08 5.65
N ASP F 96 13.43 -20.81 5.57
CA ASP F 96 14.08 -19.91 6.50
C ASP F 96 13.84 -18.46 6.06
N PRO F 97 12.91 -17.76 6.73
CA PRO F 97 12.60 -16.37 6.38
C PRO F 97 13.85 -15.52 6.10
N LEU F 98 14.85 -15.63 6.96
CA LEU F 98 16.08 -14.87 6.79
C LEU F 98 16.65 -15.07 5.39
N GLN F 99 16.41 -16.24 4.82
CA GLN F 99 16.90 -16.56 3.50
C GLN F 99 15.87 -16.33 2.39
N ALA F 100 14.58 -16.33 2.76
CA ALA F 100 13.56 -16.10 1.75
C ALA F 100 13.91 -14.76 1.14
N GLU F 101 13.62 -14.59 -0.14
CA GLU F 101 13.93 -13.35 -0.85
C GLU F 101 12.95 -12.20 -0.71
N PRO F 102 13.46 -10.96 -0.66
CA PRO F 102 12.62 -9.77 -0.53
C PRO F 102 11.59 -9.81 -1.65
N GLY F 103 10.32 -9.77 -1.27
CA GLY F 103 9.24 -9.83 -2.23
C GLY F 103 8.35 -11.01 -1.89
N THR F 104 8.93 -12.07 -1.32
CA THR F 104 8.13 -13.21 -0.94
C THR F 104 7.48 -12.84 0.39
N ILE F 105 6.50 -13.63 0.82
CA ILE F 105 5.82 -13.36 2.08
C ILE F 105 6.82 -13.49 3.22
N ARG F 106 7.40 -14.68 3.35
CA ARG F 106 8.35 -14.90 4.41
C ARG F 106 9.53 -13.96 4.27
N GLY F 107 9.88 -13.65 3.03
CA GLY F 107 11.00 -12.76 2.77
C GLY F 107 10.82 -11.35 3.27
N ASP F 108 9.60 -10.81 3.14
CA ASP F 108 9.29 -9.45 3.57
C ASP F 108 8.73 -9.36 4.97
N LEU F 109 8.09 -10.44 5.44
CA LEU F 109 7.42 -10.42 6.74
C LEU F 109 7.86 -11.28 7.91
N ALA F 110 8.84 -12.16 7.75
CA ALA F 110 9.25 -13.00 8.88
C ALA F 110 10.76 -13.00 9.14
N VAL F 111 11.16 -13.59 10.27
CA VAL F 111 12.58 -13.66 10.62
C VAL F 111 13.08 -15.03 11.11
N GLN F 112 12.18 -15.94 11.46
CA GLN F 112 12.62 -17.25 11.95
C GLN F 112 11.79 -18.43 11.46
N THR F 113 12.47 -19.43 10.92
CA THR F 113 11.86 -20.65 10.37
C THR F 113 10.63 -21.12 11.15
N GLY F 114 10.77 -21.15 12.47
CA GLY F 114 9.70 -21.59 13.34
C GLY F 114 8.46 -20.72 13.28
N ARG F 115 8.62 -19.42 13.09
CA ARG F 115 7.47 -18.53 12.99
C ARG F 115 7.47 -17.97 11.56
N ASN F 116 7.45 -18.86 10.57
CA ASN F 116 7.47 -18.42 9.18
C ASN F 116 6.13 -18.15 8.55
N ILE F 117 5.22 -17.63 9.37
CA ILE F 117 3.89 -17.19 8.94
C ILE F 117 2.91 -18.08 8.22
N VAL F 118 3.23 -18.48 7.00
CA VAL F 118 2.30 -19.25 6.19
C VAL F 118 2.80 -20.59 5.66
N HIS F 119 1.86 -21.41 5.22
CA HIS F 119 2.18 -22.71 4.66
C HIS F 119 1.41 -22.93 3.37
N GLY F 120 2.08 -23.55 2.40
CA GLY F 120 1.45 -23.84 1.14
C GLY F 120 1.82 -25.26 0.77
N SER F 121 0.88 -25.99 0.18
CA SER F 121 1.14 -27.38 -0.21
C SER F 121 2.43 -27.45 -1.02
N ASP F 122 3.24 -28.48 -0.77
CA ASP F 122 4.50 -28.65 -1.47
C ASP F 122 4.39 -29.34 -2.83
N SER F 123 3.18 -29.76 -3.20
CA SER F 123 2.97 -30.41 -4.50
C SER F 123 1.49 -30.52 -4.88
N PRO F 124 1.20 -30.55 -6.19
CA PRO F 124 -0.19 -30.65 -6.62
C PRO F 124 -0.92 -31.84 -6.02
N GLU F 125 -0.18 -32.93 -5.77
CA GLU F 125 -0.77 -34.12 -5.17
C GLU F 125 -1.13 -33.82 -3.72
N ASN F 126 -0.23 -33.12 -3.03
CA ASN F 126 -0.43 -32.76 -1.62
C ASN F 126 -1.41 -31.60 -1.41
N GLY F 127 -1.69 -30.84 -2.47
CA GLY F 127 -2.62 -29.75 -2.36
C GLY F 127 -4.02 -30.31 -2.22
N LYS F 128 -4.38 -31.25 -3.08
CA LYS F 128 -5.69 -31.87 -3.04
C LYS F 128 -5.86 -32.63 -1.73
N ARG F 129 -4.76 -33.18 -1.21
CA ARG F 129 -4.76 -33.93 0.05
C ARG F 129 -5.12 -33.03 1.23
N GLU F 130 -4.42 -31.91 1.37
CA GLU F 130 -4.65 -30.99 2.47
C GLU F 130 -6.00 -30.26 2.41
N ILE F 131 -6.45 -29.94 1.22
CA ILE F 131 -7.73 -29.27 1.04
C ILE F 131 -8.83 -30.18 1.55
N GLY F 132 -8.81 -31.43 1.08
CA GLY F 132 -9.82 -32.39 1.48
C GLY F 132 -9.70 -32.74 2.94
N LEU F 133 -8.51 -32.55 3.49
CA LEU F 133 -8.24 -32.84 4.90
C LEU F 133 -8.74 -31.76 5.84
N TRP F 134 -8.36 -30.50 5.57
CA TRP F 134 -8.75 -29.38 6.42
C TRP F 134 -10.18 -28.89 6.24
N PHE F 135 -10.69 -28.92 5.01
CA PHE F 135 -12.05 -28.45 4.74
C PHE F 135 -13.08 -29.57 4.76
N LYS F 136 -14.23 -29.28 5.36
CA LYS F 136 -15.32 -30.26 5.42
C LYS F 136 -15.95 -30.21 4.03
N GLU F 137 -16.38 -31.38 3.53
CA GLU F 137 -16.94 -31.48 2.17
C GLU F 137 -17.76 -30.34 1.60
N GLY F 138 -18.44 -29.57 2.46
CA GLY F 138 -19.24 -28.47 1.94
C GLY F 138 -18.62 -27.11 2.10
N GLU F 139 -17.37 -27.05 2.58
CA GLU F 139 -16.72 -25.78 2.80
C GLU F 139 -16.09 -25.13 1.56
N LEU F 140 -15.85 -25.91 0.50
CA LEU F 140 -15.27 -25.35 -0.73
C LEU F 140 -16.36 -24.64 -1.53
N CYS F 141 -16.05 -23.45 -2.01
CA CYS F 141 -17.01 -22.69 -2.79
C CYS F 141 -16.50 -22.48 -4.20
N LYS F 142 -17.25 -22.95 -5.16
CA LYS F 142 -16.87 -22.80 -6.56
C LYS F 142 -17.61 -21.61 -7.14
N TRP F 143 -16.90 -20.85 -7.98
CA TRP F 143 -17.48 -19.67 -8.63
C TRP F 143 -16.69 -19.32 -9.86
N ASP F 144 -17.32 -18.61 -10.79
CA ASP F 144 -16.67 -18.21 -12.02
C ASP F 144 -16.17 -16.79 -11.87
N SER F 145 -14.87 -16.59 -12.03
CA SER F 145 -14.33 -15.26 -11.91
C SER F 145 -14.71 -14.42 -13.12
N ALA F 146 -15.21 -13.22 -12.86
CA ALA F 146 -15.60 -12.32 -13.92
C ALA F 146 -14.39 -11.90 -14.76
N LEU F 147 -13.19 -11.95 -14.18
CA LEU F 147 -11.99 -11.57 -14.91
C LEU F 147 -11.30 -12.80 -15.54
N ALA F 148 -11.98 -13.92 -15.57
CA ALA F 148 -11.37 -15.12 -16.11
C ALA F 148 -10.65 -14.94 -17.46
N THR F 149 -11.30 -14.29 -18.42
CA THR F 149 -10.69 -14.12 -19.73
C THR F 149 -9.53 -13.13 -19.80
N TRP F 150 -9.35 -12.33 -18.74
CA TRP F 150 -8.25 -11.39 -18.75
C TRP F 150 -7.09 -11.90 -17.91
N LEU F 151 -7.31 -12.99 -17.19
CA LEU F 151 -6.27 -13.59 -16.38
C LEU F 151 -5.50 -14.62 -17.19
N ARG F 152 -6.19 -15.28 -18.11
CA ARG F 152 -5.56 -16.29 -18.96
C ARG F 152 -6.29 -16.34 -20.30
N GLU F 153 -5.58 -16.79 -21.33
CA GLU F 153 -6.14 -16.88 -22.68
C GLU F 153 -7.45 -17.66 -22.70
#